data_7JI3
#
_entry.id   7JI3
#
_cell.length_a   1.00
_cell.length_b   1.00
_cell.length_c   1.00
_cell.angle_alpha   90.00
_cell.angle_beta   90.00
_cell.angle_gamma   90.00
#
_symmetry.space_group_name_H-M   'P 1'
#
_entity_poly.entity_id   1
_entity_poly.type   'polypeptide(L)'
_entity_poly.pdbx_seq_one_letter_code
;MRRNSYREFIDEDDEDDGNKDVPNCFDDVIDSPEEVEPNDSASPDDDNRQESSRSRRFSKLCVKNVFTVLLILIYLLLTA
LAAFLAYQTISEVLEKLKNPVMSVTYQEVDSFPRPGIALYPGNAQLLSCSHYYHNDIPPVVEPGRPQEIDCVVTEVTYVG
PFSSQGEKRALVVRGPSEVRSKEMVFMQFSSNETGEDFSAISYMIFADFTDLIDSQNKSRFMGECETNCSRWTFSGGFRT
WVKMSLVKTFGKQNDSVEFRQESAVVKFNDRRPAAEQINQLYFAVFQWRDPYIQQNKMIVTANPWSSIAILSGVFMALFK
AANFAKLTIQWIIRMRKRHLRNKERELKQADLEDNWETLNDNLKVIEKADNAAQVKDALTKMRAAALDAQKATPPKLEDK
SPDSPEMKDFRHGFDILVGQIDDALKLANEGKVKEAQAAAEQLKTTRNAYIQKYLSNSLEVLF
;
_entity_poly.pdbx_strand_id   A,B,C
#
# COMPACT_ATOMS: atom_id res chain seq x y z
N ASN A 65 -13.00 21.58 -65.43
CA ASN A 65 -13.88 21.59 -64.27
C ASN A 65 -13.32 20.71 -63.16
N VAL A 66 -12.33 21.22 -62.45
CA VAL A 66 -11.66 20.47 -61.39
C VAL A 66 -12.20 20.84 -60.00
N PHE A 67 -13.37 21.46 -59.95
CA PHE A 67 -13.93 21.89 -58.67
C PHE A 67 -14.56 20.72 -57.92
N THR A 68 -15.18 19.78 -58.64
CA THR A 68 -15.79 18.62 -57.99
C THR A 68 -14.75 17.64 -57.51
N VAL A 69 -13.58 17.61 -58.14
CA VAL A 69 -12.47 16.79 -57.65
C VAL A 69 -11.91 17.34 -56.35
N LEU A 70 -11.85 18.67 -56.23
CA LEU A 70 -11.41 19.30 -54.98
C LEU A 70 -12.47 19.17 -53.90
N LEU A 71 -13.75 19.17 -54.26
CA LEU A 71 -14.82 18.96 -53.29
C LEU A 71 -14.83 17.51 -52.80
N ILE A 72 -14.53 16.56 -53.70
CA ILE A 72 -14.40 15.16 -53.29
C ILE A 72 -13.14 14.94 -52.46
N LEU A 73 -12.09 15.74 -52.71
CA LEU A 73 -10.87 15.67 -51.92
C LEU A 73 -11.08 16.19 -50.50
N ILE A 74 -11.78 17.33 -50.36
CA ILE A 74 -12.01 17.85 -49.01
C ILE A 74 -13.09 17.02 -48.27
N TYR A 75 -14.02 16.39 -49.00
CA TYR A 75 -14.97 15.49 -48.35
C TYR A 75 -14.30 14.17 -47.94
N LEU A 76 -13.33 13.69 -48.74
CA LEU A 76 -12.58 12.49 -48.37
C LEU A 76 -11.65 12.76 -47.20
N LEU A 77 -11.06 13.97 -47.14
CA LEU A 77 -10.24 14.33 -45.98
C LEU A 77 -11.08 14.54 -44.72
N LEU A 78 -12.31 15.05 -44.87
CA LEU A 78 -13.18 15.22 -43.71
C LEU A 78 -13.69 13.89 -43.18
N THR A 79 -14.06 12.95 -44.08
CA THR A 79 -14.45 11.63 -43.59
C THR A 79 -13.26 10.79 -43.13
N ALA A 80 -12.03 11.12 -43.60
CA ALA A 80 -10.85 10.47 -43.05
C ALA A 80 -10.55 10.96 -41.64
N LEU A 81 -10.73 12.27 -41.39
CA LEU A 81 -10.54 12.81 -40.05
C LEU A 81 -11.64 12.32 -39.10
N ALA A 82 -12.87 12.18 -39.60
CA ALA A 82 -13.96 11.66 -38.77
C ALA A 82 -13.79 10.19 -38.47
N ALA A 83 -13.29 9.40 -39.43
CA ALA A 83 -13.03 7.99 -39.18
C ALA A 83 -11.81 7.79 -38.27
N PHE A 84 -10.84 8.71 -38.33
CA PHE A 84 -9.69 8.64 -37.42
C PHE A 84 -10.08 8.98 -35.99
N LEU A 85 -10.96 9.99 -35.82
CA LEU A 85 -11.45 10.32 -34.48
C LEU A 85 -12.38 9.23 -33.94
N ALA A 86 -13.18 8.61 -34.81
CA ALA A 86 -14.06 7.53 -34.40
C ALA A 86 -13.31 6.24 -34.11
N TYR A 87 -12.13 6.04 -34.69
CA TYR A 87 -11.30 4.92 -34.28
C TYR A 87 -10.60 5.21 -32.96
N GLN A 88 -10.09 6.44 -32.80
CA GLN A 88 -9.26 6.79 -31.65
C GLN A 88 -10.08 6.88 -30.36
N THR A 89 -11.35 7.34 -30.45
CA THR A 89 -12.19 7.43 -29.27
C THR A 89 -12.61 6.05 -28.77
N ILE A 90 -12.95 5.15 -29.68
CA ILE A 90 -13.33 3.78 -29.33
C ILE A 90 -12.12 3.00 -28.79
N SER A 91 -10.93 3.23 -29.35
CA SER A 91 -9.72 2.57 -28.85
C SER A 91 -9.31 3.09 -27.47
N GLU A 92 -9.44 4.41 -27.23
CA GLU A 92 -9.09 4.98 -25.94
C GLU A 92 -10.10 4.58 -24.87
N VAL A 93 -11.39 4.49 -25.23
CA VAL A 93 -12.42 4.11 -24.27
C VAL A 93 -12.32 2.61 -23.94
N LEU A 94 -11.95 1.77 -24.91
CA LEU A 94 -11.70 0.35 -24.61
C LEU A 94 -10.44 0.14 -23.80
N GLU A 95 -9.42 0.98 -24.00
CA GLU A 95 -8.19 0.87 -23.21
C GLU A 95 -8.40 1.32 -21.78
N LYS A 96 -9.16 2.41 -21.56
CA LYS A 96 -9.49 2.80 -20.20
C LYS A 96 -10.61 1.96 -19.59
N LEU A 97 -11.32 1.17 -20.39
CA LEU A 97 -12.31 0.24 -19.87
C LEU A 97 -11.71 -1.11 -19.49
N LYS A 98 -10.54 -1.44 -20.03
CA LYS A 98 -9.92 -2.73 -19.72
C LYS A 98 -9.35 -2.75 -18.30
N ASN A 99 -8.67 -1.67 -17.89
CA ASN A 99 -7.96 -1.66 -16.62
C ASN A 99 -8.72 -0.82 -15.60
N PRO A 100 -9.30 -1.42 -14.56
CA PRO A 100 -10.01 -0.63 -13.55
C PRO A 100 -9.05 0.04 -12.56
N VAL A 101 -9.61 0.91 -11.73
CA VAL A 101 -8.86 1.76 -10.81
C VAL A 101 -9.49 1.65 -9.43
N MET A 102 -8.69 1.30 -8.42
CA MET A 102 -9.17 1.21 -7.05
C MET A 102 -9.24 2.59 -6.41
N SER A 103 -10.34 2.86 -5.71
CA SER A 103 -10.60 4.16 -5.09
C SER A 103 -10.77 3.97 -3.58
N VAL A 104 -9.99 4.70 -2.79
CA VAL A 104 -9.97 4.53 -1.35
C VAL A 104 -10.78 5.64 -0.68
N THR A 105 -11.52 5.26 0.36
CA THR A 105 -12.33 6.20 1.15
C THR A 105 -12.28 5.76 2.60
N TYR A 106 -12.14 6.72 3.51
CA TYR A 106 -11.97 6.45 4.94
C TYR A 106 -13.22 6.87 5.70
N GLN A 107 -14.14 5.93 5.90
CA GLN A 107 -15.34 6.18 6.68
C GLN A 107 -15.01 6.16 8.16
N GLU A 108 -15.30 7.24 8.86
CA GLU A 108 -15.03 7.32 10.30
C GLU A 108 -16.13 6.62 11.08
N VAL A 109 -15.74 5.85 12.09
CA VAL A 109 -16.66 5.13 12.97
C VAL A 109 -16.19 5.37 14.40
N ASP A 110 -17.11 5.86 15.25
CA ASP A 110 -16.75 6.24 16.61
C ASP A 110 -16.60 5.05 17.55
N SER A 111 -17.21 3.90 17.25
CA SER A 111 -17.11 2.73 18.11
C SER A 111 -17.33 1.48 17.28
N PHE A 112 -16.37 0.55 17.34
CA PHE A 112 -16.36 -0.68 16.58
C PHE A 112 -17.15 -1.78 17.29
N PRO A 113 -17.73 -2.73 16.56
CA PRO A 113 -18.24 -3.94 17.22
C PRO A 113 -17.08 -4.83 17.64
N ARG A 114 -17.30 -5.61 18.69
CA ARG A 114 -16.22 -6.35 19.33
C ARG A 114 -15.85 -7.58 18.51
N PRO A 115 -14.64 -7.68 18.00
CA PRO A 115 -14.26 -8.81 17.16
C PRO A 115 -13.86 -10.01 18.00
N GLY A 116 -13.60 -11.12 17.30
CA GLY A 116 -13.17 -12.33 17.96
C GLY A 116 -11.78 -12.73 17.54
N ILE A 117 -10.93 -13.03 18.50
CA ILE A 117 -9.52 -13.32 18.27
C ILE A 117 -9.34 -14.81 18.51
N ALA A 118 -9.39 -15.61 17.45
CA ALA A 118 -9.42 -17.06 17.59
C ALA A 118 -8.00 -17.57 17.73
N LEU A 119 -7.50 -17.58 18.96
CA LEU A 119 -6.16 -18.10 19.24
C LEU A 119 -6.16 -19.62 19.21
N TYR A 120 -5.03 -20.19 18.78
CA TYR A 120 -4.86 -21.65 18.74
C TYR A 120 -3.69 -22.06 19.63
N PRO A 121 -3.91 -22.20 20.94
CA PRO A 121 -2.84 -22.71 21.79
C PRO A 121 -2.72 -24.22 21.67
N GLY A 122 -1.51 -24.73 21.47
CA GLY A 122 -1.33 -26.18 21.41
C GLY A 122 -1.47 -26.82 22.78
N ASN A 123 -0.51 -26.54 23.67
CA ASN A 123 -0.61 -26.94 25.07
C ASN A 123 -0.49 -25.77 26.01
N ALA A 124 -0.56 -24.53 25.51
CA ALA A 124 -0.49 -23.36 26.36
C ALA A 124 -1.82 -23.14 27.09
N GLN A 125 -1.76 -22.38 28.17
CA GLN A 125 -2.92 -22.13 29.01
C GLN A 125 -3.02 -20.63 29.27
N LEU A 126 -4.22 -20.08 29.11
CA LEU A 126 -4.42 -18.66 29.29
C LEU A 126 -4.40 -18.31 30.77
N LEU A 127 -3.66 -17.26 31.12
CA LEU A 127 -3.51 -16.86 32.52
C LEU A 127 -4.12 -15.50 32.84
N SER A 128 -4.34 -14.66 31.84
CA SER A 128 -4.96 -13.35 32.03
C SER A 128 -5.64 -12.94 30.75
N CYS A 129 -6.68 -12.11 30.85
CA CYS A 129 -7.37 -11.59 29.65
C CYS A 129 -7.98 -10.27 30.06
N SER A 130 -7.16 -9.44 30.73
CA SER A 130 -7.69 -8.21 31.28
C SER A 130 -7.66 -7.06 30.28
N HIS A 131 -8.77 -6.32 30.21
CA HIS A 131 -8.85 -5.10 29.42
C HIS A 131 -8.17 -3.96 30.13
N TYR A 132 -7.55 -3.06 29.36
CA TYR A 132 -6.92 -1.86 29.91
C TYR A 132 -7.22 -0.69 28.98
N TYR A 133 -7.56 0.45 29.55
CA TYR A 133 -7.84 1.65 28.79
C TYR A 133 -6.66 2.61 28.83
N HIS A 134 -6.63 3.51 27.83
CA HIS A 134 -5.79 4.73 27.79
C HIS A 134 -4.29 4.43 27.81
N ASN A 135 -3.90 3.31 27.21
CA ASN A 135 -2.52 2.81 27.09
C ASN A 135 -1.84 2.61 28.45
N ASP A 136 -2.64 2.23 29.45
CA ASP A 136 -2.12 1.98 30.78
C ASP A 136 -1.84 0.50 30.96
N ILE A 137 -0.57 0.11 30.75
CA ILE A 137 -0.15 -1.25 31.03
C ILE A 137 0.43 -1.26 32.44
N PRO A 138 -0.17 -1.96 33.38
CA PRO A 138 0.42 -2.07 34.70
C PRO A 138 1.51 -3.14 34.70
N PRO A 139 2.35 -3.16 35.74
CA PRO A 139 3.21 -4.34 35.93
C PRO A 139 2.40 -5.56 36.29
N VAL A 140 2.69 -6.70 35.67
CA VAL A 140 2.02 -7.94 36.02
C VAL A 140 2.49 -8.40 37.39
N VAL A 141 1.54 -8.76 38.25
CA VAL A 141 1.84 -8.98 39.66
C VAL A 141 2.56 -10.29 39.91
N GLU A 142 2.32 -11.31 39.09
CA GLU A 142 3.00 -12.59 39.17
C GLU A 142 2.91 -13.29 37.82
N PRO A 143 3.96 -14.00 37.39
CA PRO A 143 3.84 -14.85 36.19
C PRO A 143 3.24 -16.23 36.43
N GLY A 144 2.57 -16.44 37.57
CA GLY A 144 1.77 -17.61 37.82
C GLY A 144 0.38 -17.54 37.18
N ARG A 145 -0.65 -18.01 37.87
CA ARG A 145 -1.98 -18.06 37.27
C ARG A 145 -2.98 -17.18 38.00
N PRO A 146 -3.30 -15.99 37.48
CA PRO A 146 -4.49 -15.27 37.94
C PRO A 146 -5.75 -15.73 37.24
N GLN A 147 -6.86 -15.04 37.48
CA GLN A 147 -8.14 -15.38 36.88
C GLN A 147 -8.43 -14.45 35.71
N GLU A 148 -9.15 -14.97 34.72
CA GLU A 148 -9.48 -14.21 33.53
C GLU A 148 -10.56 -13.17 33.81
N ILE A 149 -10.71 -12.24 32.88
CA ILE A 149 -11.74 -11.21 32.94
C ILE A 149 -12.66 -11.27 31.73
N ASP A 150 -12.08 -11.31 30.53
CA ASP A 150 -12.88 -11.37 29.31
C ASP A 150 -13.44 -12.77 29.10
N CYS A 151 -14.42 -12.86 28.20
CA CYS A 151 -15.15 -14.11 27.98
C CYS A 151 -14.45 -14.95 26.92
N VAL A 152 -14.05 -16.16 27.30
CA VAL A 152 -13.38 -17.09 26.40
C VAL A 152 -14.34 -18.20 26.01
N VAL A 153 -14.24 -18.65 24.76
CA VAL A 153 -15.08 -19.72 24.23
C VAL A 153 -14.14 -20.80 23.72
N THR A 154 -13.90 -21.82 24.55
CA THR A 154 -13.07 -22.94 24.13
C THR A 154 -13.91 -23.90 23.29
N GLU A 155 -13.58 -24.00 22.00
CA GLU A 155 -14.30 -24.89 21.10
C GLU A 155 -13.32 -25.71 20.28
N VAL A 156 -13.75 -26.92 19.89
CA VAL A 156 -12.90 -27.87 19.19
C VAL A 156 -13.47 -28.07 17.79
N THR A 157 -12.76 -27.56 16.78
CA THR A 157 -13.12 -27.72 15.38
C THR A 157 -12.13 -28.64 14.69
N TYR A 158 -12.52 -29.15 13.53
CA TYR A 158 -11.63 -29.98 12.72
C TYR A 158 -11.91 -29.74 11.25
N VAL A 159 -10.91 -29.21 10.54
CA VAL A 159 -10.97 -29.05 9.10
C VAL A 159 -9.73 -29.67 8.47
N LYS A 168 -8.06 -29.55 16.53
CA LYS A 168 -7.53 -28.28 17.01
C LYS A 168 -8.54 -27.54 17.85
N ARG A 169 -8.07 -26.92 18.93
CA ARG A 169 -8.92 -26.09 19.79
C ARG A 169 -8.69 -24.62 19.49
N ALA A 170 -9.76 -23.84 19.59
CA ALA A 170 -9.76 -22.42 19.21
C ALA A 170 -10.30 -21.62 20.38
N LEU A 171 -9.40 -21.17 21.24
CA LEU A 171 -9.78 -20.38 22.40
C LEU A 171 -10.13 -18.95 21.98
N VAL A 172 -11.40 -18.72 21.62
CA VAL A 172 -11.83 -17.45 21.06
C VAL A 172 -11.95 -16.41 22.16
N VAL A 173 -11.26 -15.28 22.00
CA VAL A 173 -11.25 -14.19 22.96
C VAL A 173 -12.00 -13.02 22.34
N ARG A 174 -12.95 -12.46 23.09
CA ARG A 174 -13.67 -11.28 22.64
C ARG A 174 -12.75 -10.06 22.66
N GLY A 175 -12.65 -9.38 21.52
CA GLY A 175 -11.69 -8.32 21.35
C GLY A 175 -12.14 -6.99 21.91
N PRO A 176 -11.44 -5.91 21.56
CA PRO A 176 -11.80 -4.60 22.10
C PRO A 176 -12.73 -3.77 21.23
N SER A 177 -13.62 -3.04 21.88
CA SER A 177 -14.35 -1.94 21.28
C SER A 177 -13.77 -0.65 21.83
N GLU A 178 -14.44 0.47 21.52
CA GLU A 178 -14.15 1.84 22.02
C GLU A 178 -12.73 2.28 21.64
N VAL A 179 -12.57 2.48 20.33
CA VAL A 179 -11.29 2.86 19.72
C VAL A 179 -10.80 4.22 20.23
N ARG A 180 -11.71 5.15 20.51
CA ARG A 180 -11.34 6.47 20.99
C ARG A 180 -10.87 6.49 22.43
N SER A 181 -11.24 5.49 23.22
CA SER A 181 -10.76 5.36 24.58
C SER A 181 -9.50 4.51 24.70
N LYS A 182 -9.02 3.96 23.56
CA LYS A 182 -7.82 3.12 23.44
C LYS A 182 -7.88 1.88 24.31
N GLU A 183 -8.84 1.00 24.04
CA GLU A 183 -8.96 -0.24 24.82
C GLU A 183 -8.16 -1.35 24.15
N MET A 184 -7.45 -2.12 24.98
CA MET A 184 -6.64 -3.23 24.51
C MET A 184 -6.97 -4.48 25.32
N VAL A 185 -6.57 -5.63 24.80
CA VAL A 185 -6.80 -6.91 25.46
C VAL A 185 -5.42 -7.49 25.79
N PHE A 186 -4.94 -7.22 27.00
CA PHE A 186 -3.68 -7.80 27.43
C PHE A 186 -3.92 -9.25 27.85
N MET A 187 -3.17 -10.16 27.27
CA MET A 187 -3.31 -11.58 27.59
C MET A 187 -1.94 -12.19 27.81
N GLN A 188 -1.92 -13.35 28.47
CA GLN A 188 -0.68 -13.98 28.86
C GLN A 188 -0.85 -15.49 28.87
N PHE A 189 0.01 -16.19 28.15
CA PHE A 189 0.02 -17.65 28.07
C PHE A 189 1.26 -18.19 28.76
N SER A 190 1.31 -19.52 28.87
CA SER A 190 2.45 -20.22 29.44
C SER A 190 2.44 -21.66 28.95
N SER A 191 3.60 -22.18 28.59
CA SER A 191 3.69 -23.53 28.06
C SER A 191 5.04 -24.12 28.41
N ASN A 192 5.03 -25.29 29.06
CA ASN A 192 6.25 -26.04 29.33
C ASN A 192 6.44 -27.03 28.18
N GLU A 193 6.95 -26.51 27.08
CA GLU A 193 7.07 -27.27 25.84
C GLU A 193 8.22 -28.26 25.91
N THR A 194 7.97 -29.46 25.40
CA THR A 194 8.97 -30.52 25.34
C THR A 194 9.09 -31.18 23.98
N GLY A 195 8.06 -31.12 23.14
CA GLY A 195 8.11 -31.77 21.85
C GLY A 195 8.44 -30.84 20.71
N GLU A 196 7.95 -29.61 20.78
CA GLU A 196 8.22 -28.61 19.76
C GLU A 196 9.43 -27.77 20.14
N ASP A 197 10.05 -27.17 19.14
CA ASP A 197 11.21 -26.31 19.35
C ASP A 197 11.07 -24.95 18.69
N PHE A 198 9.85 -24.52 18.37
CA PHE A 198 9.58 -23.16 17.91
C PHE A 198 8.32 -22.70 18.66
N SER A 199 8.52 -21.82 19.62
CA SER A 199 7.45 -21.38 20.50
C SER A 199 6.61 -20.33 19.80
N ALA A 200 5.53 -20.76 19.16
CA ALA A 200 4.62 -19.84 18.49
C ALA A 200 3.20 -20.19 18.86
N ILE A 201 2.32 -19.20 18.78
CA ILE A 201 0.88 -19.37 18.96
C ILE A 201 0.20 -18.68 17.80
N SER A 202 -0.57 -19.43 17.03
CA SER A 202 -1.27 -18.81 15.91
C SER A 202 -2.54 -18.14 16.40
N TYR A 203 -3.05 -17.20 15.60
CA TYR A 203 -4.34 -16.60 15.87
C TYR A 203 -4.99 -16.24 14.55
N MET A 204 -6.22 -15.73 14.63
CA MET A 204 -7.05 -15.43 13.48
C MET A 204 -8.17 -14.51 13.97
N ILE A 205 -8.40 -13.41 13.27
CA ILE A 205 -9.34 -12.39 13.70
C ILE A 205 -10.52 -12.38 12.73
N PHE A 206 -11.73 -12.61 13.24
CA PHE A 206 -12.94 -12.43 12.44
C PHE A 206 -13.70 -11.22 12.93
N ALA A 207 -14.77 -10.89 12.18
CA ALA A 207 -15.33 -9.54 12.23
C ALA A 207 -16.25 -9.31 13.41
N ASP A 208 -16.90 -10.34 13.95
CA ASP A 208 -17.85 -10.12 15.04
C ASP A 208 -17.85 -11.32 15.96
N PHE A 209 -17.86 -11.04 17.27
CA PHE A 209 -17.81 -12.11 18.27
C PHE A 209 -19.20 -12.65 18.58
N THR A 210 -20.22 -11.79 18.53
CA THR A 210 -21.60 -12.20 18.80
C THR A 210 -22.18 -13.12 17.74
N ASP A 211 -21.60 -13.12 16.52
CA ASP A 211 -21.99 -14.08 15.49
C ASP A 211 -21.57 -15.50 15.85
N LEU A 212 -20.51 -15.65 16.65
CA LEU A 212 -20.09 -16.99 17.08
C LEU A 212 -21.01 -17.54 18.16
N ILE A 213 -21.30 -16.76 19.19
CA ILE A 213 -22.17 -17.24 20.27
C ILE A 213 -23.63 -17.22 19.90
N ASP A 214 -24.02 -16.48 18.85
CA ASP A 214 -25.38 -16.51 18.33
C ASP A 214 -25.50 -17.40 17.11
N SER A 215 -24.71 -18.46 17.05
CA SER A 215 -24.78 -19.45 15.99
C SER A 215 -25.35 -20.75 16.54
N GLN A 216 -26.04 -21.50 15.67
CA GLN A 216 -26.63 -22.77 16.09
C GLN A 216 -25.58 -23.87 16.25
N ASN A 217 -24.49 -23.79 15.50
CA ASN A 217 -23.35 -24.68 15.69
C ASN A 217 -22.08 -23.89 15.39
N LYS A 218 -21.17 -23.81 16.37
CA LYS A 218 -19.95 -22.98 16.25
C LYS A 218 -18.87 -23.64 15.38
N SER A 219 -18.91 -24.96 15.21
CA SER A 219 -17.91 -25.67 14.41
C SER A 219 -18.15 -25.56 12.92
N ARG A 220 -19.34 -25.12 12.49
CA ARG A 220 -19.53 -24.79 11.09
C ARG A 220 -18.94 -23.43 10.76
N PHE A 221 -19.17 -22.44 11.63
CA PHE A 221 -18.74 -21.06 11.38
C PHE A 221 -17.22 -20.90 11.53
N MET A 222 -16.63 -21.58 12.52
CA MET A 222 -15.18 -21.52 12.67
C MET A 222 -14.48 -22.30 11.57
N GLY A 223 -15.08 -23.40 11.11
CA GLY A 223 -14.57 -24.11 9.95
C GLY A 223 -14.60 -23.15 8.78
N GLU A 224 -15.71 -22.44 8.58
CA GLU A 224 -15.84 -21.59 7.40
C GLU A 224 -14.82 -20.45 7.44
N CYS A 225 -14.57 -19.86 8.61
CA CYS A 225 -13.51 -18.86 8.72
C CYS A 225 -12.09 -19.44 8.68
N GLU A 226 -11.90 -20.74 8.88
CA GLU A 226 -10.55 -21.28 8.74
C GLU A 226 -10.09 -21.46 7.29
N THR A 227 -10.96 -21.23 6.31
CA THR A 227 -10.58 -21.26 4.91
C THR A 227 -10.31 -19.87 4.33
N ASN A 228 -11.08 -18.86 4.73
CA ASN A 228 -10.97 -17.53 4.15
C ASN A 228 -10.12 -16.57 4.99
N CYS A 229 -10.32 -16.56 6.31
CA CYS A 229 -9.60 -15.64 7.18
C CYS A 229 -8.17 -16.14 7.37
N SER A 230 -7.21 -15.20 7.33
CA SER A 230 -5.79 -15.53 7.31
C SER A 230 -5.21 -15.56 8.73
N ARG A 231 -4.14 -16.34 8.89
CA ARG A 231 -3.58 -16.66 10.19
C ARG A 231 -2.18 -16.08 10.34
N TRP A 232 -1.99 -15.26 11.37
CA TRP A 232 -0.68 -14.80 11.80
C TRP A 232 -0.26 -15.55 13.05
N THR A 233 0.96 -15.29 13.51
CA THR A 233 1.50 -15.89 14.73
C THR A 233 2.13 -14.82 15.61
N PHE A 234 2.35 -15.15 16.87
CA PHE A 234 3.26 -14.39 17.72
C PHE A 234 4.16 -15.34 18.50
N SER A 235 5.24 -14.79 19.03
CA SER A 235 6.38 -15.57 19.49
C SER A 235 6.33 -15.81 20.98
N GLY A 236 7.34 -16.53 21.48
CA GLY A 236 7.40 -16.88 22.88
C GLY A 236 8.49 -16.16 23.64
N GLY A 237 8.11 -15.23 24.49
CA GLY A 237 9.04 -14.39 25.21
C GLY A 237 8.96 -12.92 24.85
N PHE A 238 8.05 -12.52 23.97
CA PHE A 238 7.94 -11.14 23.51
C PHE A 238 6.51 -10.66 23.64
N ARG A 239 6.33 -9.42 24.06
CA ARG A 239 5.02 -8.76 23.98
C ARG A 239 4.80 -8.34 22.53
N THR A 240 3.70 -8.77 21.95
CA THR A 240 3.40 -8.54 20.54
C THR A 240 2.20 -7.60 20.45
N TRP A 241 2.47 -6.30 20.34
CA TRP A 241 1.43 -5.28 20.28
C TRP A 241 0.81 -5.30 18.89
N VAL A 242 -0.34 -5.94 18.77
CA VAL A 242 -1.03 -6.09 17.49
C VAL A 242 -2.03 -4.95 17.32
N LYS A 243 -1.87 -4.15 16.28
CA LYS A 243 -2.77 -3.03 16.00
C LYS A 243 -3.53 -3.33 14.72
N MET A 244 -4.79 -3.72 14.85
CA MET A 244 -5.60 -4.15 13.72
C MET A 244 -6.45 -3.00 13.17
N SER A 245 -6.93 -3.20 11.95
CA SER A 245 -7.74 -2.22 11.24
C SER A 245 -8.55 -2.93 10.18
N LEU A 246 -9.73 -2.39 9.89
CA LEU A 246 -10.64 -2.99 8.93
C LEU A 246 -10.39 -2.48 7.52
N VAL A 247 -10.75 -3.31 6.54
CA VAL A 247 -10.81 -2.93 5.13
C VAL A 247 -12.10 -3.53 4.57
N LYS A 248 -12.97 -2.68 4.02
CA LYS A 248 -14.21 -3.12 3.41
C LYS A 248 -14.10 -2.96 1.90
N THR A 249 -14.35 -4.04 1.17
CA THR A 249 -14.26 -4.05 -0.28
C THR A 249 -15.66 -4.09 -0.87
N PHE A 250 -15.86 -3.32 -1.94
CA PHE A 250 -17.15 -3.25 -2.65
C PHE A 250 -16.97 -3.74 -4.08
N GLY A 251 -18.05 -3.62 -4.85
CA GLY A 251 -18.03 -4.04 -6.24
C GLY A 251 -19.35 -4.64 -6.70
N ASP A 255 -19.59 -5.05 1.33
CA ASP A 255 -19.69 -6.44 0.93
C ASP A 255 -18.76 -7.31 1.77
N SER A 256 -17.50 -7.43 1.34
CA SER A 256 -16.49 -8.22 2.04
C SER A 256 -15.75 -7.34 3.03
N VAL A 257 -15.36 -7.94 4.15
CA VAL A 257 -14.69 -7.23 5.24
C VAL A 257 -13.56 -8.10 5.78
N GLU A 258 -12.34 -7.56 5.80
CA GLU A 258 -11.18 -8.31 6.25
C GLU A 258 -10.31 -7.43 7.11
N PHE A 259 -9.40 -8.06 7.85
CA PHE A 259 -8.51 -7.40 8.78
C PHE A 259 -7.09 -7.33 8.21
N ARG A 260 -6.29 -6.43 8.78
CA ARG A 260 -4.85 -6.43 8.57
C ARG A 260 -4.19 -5.85 9.80
N GLN A 261 -3.12 -6.49 10.25
CA GLN A 261 -2.47 -6.04 11.52
C GLN A 261 -0.98 -5.79 11.30
N GLU A 262 -0.38 -5.06 12.24
CA GLU A 262 1.07 -4.71 12.24
C GLU A 262 1.59 -4.95 13.67
N SER A 263 2.42 -5.98 13.84
CA SER A 263 2.96 -6.38 15.13
C SER A 263 4.10 -5.47 15.52
N ALA A 264 4.47 -5.51 16.80
CA ALA A 264 5.63 -4.80 17.33
C ALA A 264 6.19 -5.59 18.49
N VAL A 265 7.34 -6.21 18.29
CA VAL A 265 7.93 -7.17 19.22
C VAL A 265 8.82 -6.41 20.20
N VAL A 266 8.60 -6.64 21.49
CA VAL A 266 9.37 -6.02 22.58
C VAL A 266 9.78 -7.15 23.53
N LYS A 267 11.07 -7.23 23.84
CA LYS A 267 11.60 -8.35 24.60
C LYS A 267 11.20 -8.27 26.07
N PHE A 268 10.70 -9.39 26.61
CA PHE A 268 10.34 -9.53 28.02
C PHE A 268 11.53 -10.13 28.75
N ASN A 269 12.12 -9.38 29.67
CA ASN A 269 13.27 -9.87 30.43
C ASN A 269 12.79 -10.65 31.64
N ASP A 270 13.23 -11.90 31.75
CA ASP A 270 12.84 -12.79 32.84
C ASP A 270 13.58 -12.39 34.10
N ARG A 271 12.82 -12.08 35.15
CA ARG A 271 13.37 -11.87 36.49
C ARG A 271 12.79 -12.89 37.45
N ARG A 272 12.64 -14.12 36.97
CA ARG A 272 12.13 -15.24 37.75
C ARG A 272 13.31 -16.07 38.26
N PRO A 273 13.12 -16.92 39.27
CA PRO A 273 14.14 -17.93 39.59
C PRO A 273 14.29 -18.94 38.46
N ALA A 274 15.49 -19.52 38.38
CA ALA A 274 15.84 -20.33 37.21
C ALA A 274 15.31 -21.75 37.29
N ALA A 275 14.69 -22.12 38.42
CA ALA A 275 14.07 -23.44 38.51
C ALA A 275 12.78 -23.49 37.70
N GLU A 276 12.02 -22.40 37.69
CA GLU A 276 10.75 -22.34 36.97
C GLU A 276 10.85 -21.59 35.63
N GLN A 277 12.05 -21.44 35.08
CA GLN A 277 12.20 -20.81 33.77
C GLN A 277 12.16 -21.81 32.63
N ILE A 278 11.66 -23.02 32.85
CA ILE A 278 11.58 -24.00 31.76
C ILE A 278 10.37 -23.73 30.88
N ASN A 279 9.37 -23.02 31.41
CA ASN A 279 8.18 -22.71 30.64
C ASN A 279 8.26 -21.30 30.08
N GLN A 280 7.88 -21.15 28.81
CA GLN A 280 7.89 -19.86 28.14
C GLN A 280 6.69 -19.03 28.56
N LEU A 281 6.72 -17.75 28.19
CA LEU A 281 5.61 -16.83 28.46
C LEU A 281 5.29 -16.07 27.19
N TYR A 282 4.01 -16.01 26.84
CA TYR A 282 3.54 -15.47 25.57
C TYR A 282 2.61 -14.30 25.91
N PHE A 283 3.08 -13.08 25.73
CA PHE A 283 2.23 -11.91 25.94
C PHE A 283 1.74 -11.38 24.60
N ALA A 284 0.58 -10.74 24.61
CA ALA A 284 0.00 -10.17 23.39
C ALA A 284 -0.92 -9.03 23.75
N VAL A 285 -0.91 -7.99 22.93
CA VAL A 285 -1.75 -6.80 23.11
C VAL A 285 -2.50 -6.58 21.82
N PHE A 286 -3.83 -6.62 21.87
CA PHE A 286 -4.66 -6.41 20.69
C PHE A 286 -5.46 -5.13 20.87
N GLN A 287 -5.18 -4.12 20.05
CA GLN A 287 -5.94 -2.89 20.11
C GLN A 287 -6.24 -2.42 18.69
N TRP A 288 -7.14 -1.45 18.58
CA TRP A 288 -7.46 -0.85 17.30
C TRP A 288 -6.50 0.30 17.00
N ARG A 289 -6.22 0.50 15.72
CA ARG A 289 -5.20 1.47 15.34
C ARG A 289 -5.75 2.89 15.33
N ASP A 290 -6.77 3.13 14.52
CA ASP A 290 -7.35 4.45 14.35
C ASP A 290 -8.83 4.32 14.04
N PRO A 291 -9.67 5.27 14.48
CA PRO A 291 -11.12 5.15 14.23
C PRO A 291 -11.53 5.48 12.80
N TYR A 292 -11.18 4.59 11.87
CA TYR A 292 -11.55 4.71 10.48
C TYR A 292 -11.74 3.31 9.91
N ILE A 293 -12.58 3.21 8.89
CA ILE A 293 -12.72 1.99 8.11
C ILE A 293 -12.39 2.34 6.67
N GLN A 294 -11.32 1.73 6.16
CA GLN A 294 -10.93 1.96 4.78
C GLN A 294 -11.89 1.24 3.84
N GLN A 295 -12.44 1.98 2.88
CA GLN A 295 -13.39 1.44 1.92
C GLN A 295 -12.74 1.40 0.54
N ASN A 296 -12.79 0.24 -0.10
CA ASN A 296 -12.20 0.05 -1.42
C ASN A 296 -13.30 -0.21 -2.42
N LYS A 297 -13.41 0.66 -3.42
CA LYS A 297 -14.35 0.51 -4.51
C LYS A 297 -13.57 0.41 -5.82
N MET A 298 -13.88 -0.60 -6.62
CA MET A 298 -13.27 -0.73 -7.93
C MET A 298 -14.02 0.14 -8.93
N ILE A 299 -13.32 1.14 -9.48
CA ILE A 299 -13.94 2.14 -10.39
C ILE A 299 -13.24 2.15 -11.76
N VAL A 300 -14.03 2.24 -12.83
CA VAL A 300 -13.53 2.27 -14.20
C VAL A 300 -13.56 3.71 -14.68
N THR A 301 -12.44 4.18 -15.23
CA THR A 301 -12.31 5.58 -15.61
C THR A 301 -12.77 5.87 -17.03
N ALA A 302 -13.39 4.90 -17.70
CA ALA A 302 -13.93 5.12 -19.05
C ALA A 302 -15.42 5.37 -18.98
N ASN A 303 -15.89 6.25 -19.86
CA ASN A 303 -17.31 6.59 -19.93
C ASN A 303 -17.88 6.17 -21.27
N PRO A 304 -18.67 5.10 -21.35
CA PRO A 304 -19.15 4.63 -22.66
C PRO A 304 -20.28 5.46 -23.26
N TRP A 305 -21.20 5.91 -22.41
CA TRP A 305 -22.34 6.75 -22.85
C TRP A 305 -21.79 8.08 -23.38
N SER A 306 -20.85 8.67 -22.64
CA SER A 306 -20.20 9.94 -23.04
C SER A 306 -19.44 9.71 -24.36
N SER A 307 -18.77 8.56 -24.47
CA SER A 307 -18.02 8.21 -25.72
C SER A 307 -19.01 8.09 -26.88
N ILE A 308 -20.17 7.47 -26.64
CA ILE A 308 -21.22 7.32 -27.70
C ILE A 308 -21.69 8.72 -28.12
N ALA A 309 -21.87 9.61 -27.15
CA ALA A 309 -22.30 11.00 -27.45
C ALA A 309 -21.20 11.69 -28.26
N ILE A 310 -19.96 11.64 -27.75
CA ILE A 310 -18.81 12.24 -28.42
C ILE A 310 -18.73 11.80 -29.88
N LEU A 311 -19.07 10.54 -30.15
CA LEU A 311 -19.18 10.05 -31.52
C LEU A 311 -20.33 10.70 -32.29
N SER A 312 -21.43 11.03 -31.60
CA SER A 312 -22.53 11.77 -32.23
C SER A 312 -22.11 13.20 -32.56
N GLY A 313 -21.35 13.83 -31.66
CA GLY A 313 -20.82 15.16 -31.94
C GLY A 313 -19.76 15.19 -33.03
N VAL A 314 -19.04 14.09 -33.21
CA VAL A 314 -18.09 13.99 -34.33
C VAL A 314 -18.84 13.78 -35.64
N PHE A 315 -19.83 12.88 -35.65
CA PHE A 315 -20.57 12.54 -36.86
C PHE A 315 -21.55 13.61 -37.28
N MET A 316 -21.70 14.64 -36.43
CA MET A 316 -22.55 15.82 -36.71
C MET A 316 -21.68 16.87 -37.39
N ALA A 317 -20.41 16.98 -36.96
CA ALA A 317 -19.47 17.96 -37.51
C ALA A 317 -18.84 17.48 -38.81
N LEU A 318 -18.83 16.16 -39.04
CA LEU A 318 -18.46 15.62 -40.35
C LEU A 318 -19.47 16.00 -41.43
N PHE A 319 -20.75 16.16 -41.08
CA PHE A 319 -21.72 16.69 -42.02
C PHE A 319 -21.60 18.20 -42.16
N LYS A 320 -21.40 18.87 -41.03
CA LYS A 320 -21.33 20.36 -40.98
C LYS A 320 -20.16 20.87 -41.83
N ALA A 321 -18.95 20.36 -41.61
CA ALA A 321 -17.78 20.85 -42.33
C ALA A 321 -17.82 20.49 -43.81
N ALA A 322 -18.49 19.38 -44.15
CA ALA A 322 -18.70 19.04 -45.56
C ALA A 322 -19.70 19.98 -46.22
N ASN A 323 -20.74 20.40 -45.50
CA ASN A 323 -21.68 21.39 -46.03
C ASN A 323 -21.03 22.77 -46.15
N PHE A 324 -20.14 23.12 -45.21
CA PHE A 324 -19.41 24.38 -45.31
C PHE A 324 -18.39 24.37 -46.44
N ALA A 325 -17.79 23.21 -46.71
CA ALA A 325 -16.90 23.07 -47.86
C ALA A 325 -17.67 23.09 -49.17
N LYS A 326 -18.89 22.56 -49.19
CA LYS A 326 -19.75 22.65 -50.36
C LYS A 326 -20.23 24.08 -50.61
N LEU A 327 -20.38 24.87 -49.55
CA LEU A 327 -20.69 26.29 -49.73
C LEU A 327 -19.47 27.08 -50.20
N THR A 328 -18.29 26.74 -49.67
CA THR A 328 -17.07 27.49 -50.02
C THR A 328 -16.58 27.13 -51.42
N ILE A 329 -16.88 25.93 -51.90
CA ILE A 329 -16.47 25.53 -53.25
C ILE A 329 -17.27 26.22 -54.33
N GLN A 330 -18.49 26.68 -54.02
CA GLN A 330 -19.27 27.48 -54.94
C GLN A 330 -19.09 28.97 -54.71
N TRP A 331 -18.72 29.37 -53.48
CA TRP A 331 -18.49 30.79 -53.19
C TRP A 331 -17.15 31.29 -53.72
N ILE A 332 -16.22 30.39 -54.06
CA ILE A 332 -14.91 30.82 -54.54
C ILE A 332 -14.94 31.23 -56.01
N ILE A 333 -15.99 30.87 -56.75
CA ILE A 333 -16.11 31.23 -58.16
C ILE A 333 -17.40 32.04 -58.35
N ARG A 334 -17.81 32.76 -57.32
CA ARG A 334 -19.01 33.58 -57.38
C ARG A 334 -18.76 34.88 -58.14
N ASN B 65 -54.68 9.71 -43.01
CA ASN B 65 -53.50 10.54 -42.84
C ASN B 65 -52.75 10.15 -41.56
N VAL B 66 -52.01 9.05 -41.61
CA VAL B 66 -51.30 8.54 -40.46
C VAL B 66 -49.82 8.95 -40.48
N PHE B 67 -49.47 9.97 -41.27
CA PHE B 67 -48.07 10.39 -41.38
C PHE B 67 -47.64 11.23 -40.19
N THR B 68 -48.56 12.06 -39.67
CA THR B 68 -48.23 12.89 -38.52
C THR B 68 -48.15 12.08 -37.24
N VAL B 69 -48.87 10.95 -37.17
CA VAL B 69 -48.76 10.04 -36.04
C VAL B 69 -47.41 9.35 -36.04
N LEU B 70 -46.90 8.99 -37.23
CA LEU B 70 -45.57 8.40 -37.33
C LEU B 70 -44.47 9.42 -37.09
N LEU B 71 -44.72 10.68 -37.47
CA LEU B 71 -43.76 11.75 -37.17
C LEU B 71 -43.72 12.07 -35.68
N ILE B 72 -44.88 12.01 -35.01
CA ILE B 72 -44.92 12.17 -33.56
C ILE B 72 -44.32 10.96 -32.85
N LEU B 73 -44.41 9.78 -33.46
CA LEU B 73 -43.79 8.58 -32.90
C LEU B 73 -42.26 8.63 -32.99
N ILE B 74 -41.72 9.06 -34.14
CA ILE B 74 -40.27 9.15 -34.26
C ILE B 74 -39.71 10.36 -33.47
N TYR B 75 -40.51 11.43 -33.30
CA TYR B 75 -40.08 12.52 -32.45
C TYR B 75 -40.14 12.16 -30.97
N LEU B 76 -41.13 11.33 -30.58
CA LEU B 76 -41.21 10.85 -29.20
C LEU B 76 -40.09 9.85 -28.89
N LEU B 77 -39.72 9.01 -29.88
CA LEU B 77 -38.59 8.11 -29.70
C LEU B 77 -37.26 8.84 -29.67
N LEU B 78 -37.15 9.94 -30.43
CA LEU B 78 -35.91 10.73 -30.41
C LEU B 78 -35.76 11.51 -29.10
N THR B 79 -36.86 12.08 -28.59
CA THR B 79 -36.74 12.75 -27.28
C THR B 79 -36.66 11.75 -26.13
N ALA B 80 -37.12 10.51 -26.32
CA ALA B 80 -36.91 9.47 -25.32
C ALA B 80 -35.45 9.03 -25.28
N LEU B 81 -34.81 8.92 -26.45
CA LEU B 81 -33.38 8.58 -26.51
C LEU B 81 -32.52 9.73 -25.97
N ALA B 82 -32.94 10.98 -26.24
CA ALA B 82 -32.20 12.14 -25.73
C ALA B 82 -32.36 12.29 -24.22
N ALA B 83 -33.56 12.00 -23.69
CA ALA B 83 -33.76 12.03 -22.25
C ALA B 83 -33.06 10.87 -21.55
N PHE B 84 -32.94 9.72 -22.21
CA PHE B 84 -32.20 8.60 -21.64
C PHE B 84 -30.71 8.86 -21.60
N LEU B 85 -30.16 9.49 -22.65
CA LEU B 85 -28.74 9.88 -22.64
C LEU B 85 -28.47 11.00 -21.66
N ALA B 86 -29.42 11.94 -21.51
CA ALA B 86 -29.26 13.02 -20.55
C ALA B 86 -29.43 12.56 -19.11
N TYR B 87 -30.16 11.47 -18.87
CA TYR B 87 -30.17 10.90 -17.53
C TYR B 87 -28.89 10.11 -17.26
N GLN B 88 -28.43 9.35 -18.25
CA GLN B 88 -27.30 8.44 -18.05
C GLN B 88 -25.98 9.18 -17.90
N THR B 89 -25.81 10.31 -18.61
CA THR B 89 -24.58 11.09 -18.50
C THR B 89 -24.47 11.79 -17.15
N ILE B 90 -25.59 12.34 -16.65
CA ILE B 90 -25.62 12.99 -15.34
C ILE B 90 -25.45 11.97 -14.21
N SER B 91 -26.02 10.77 -14.36
CA SER B 91 -25.86 9.72 -13.36
C SER B 91 -24.43 9.18 -13.33
N GLU B 92 -23.80 9.02 -14.51
CA GLU B 92 -22.43 8.52 -14.57
C GLU B 92 -21.44 9.57 -14.07
N VAL B 93 -21.69 10.85 -14.35
CA VAL B 93 -20.81 11.92 -13.90
C VAL B 93 -20.94 12.14 -12.39
N LEU B 94 -22.15 11.98 -11.83
CA LEU B 94 -22.30 12.04 -10.38
C LEU B 94 -21.71 10.82 -9.67
N GLU B 95 -21.75 9.65 -10.32
CA GLU B 95 -21.14 8.46 -9.72
C GLU B 95 -19.62 8.53 -9.74
N LYS B 96 -19.03 9.04 -10.83
CA LYS B 96 -17.58 9.24 -10.84
C LYS B 96 -17.16 10.49 -10.09
N LEU B 97 -18.08 11.38 -9.74
CA LEU B 97 -17.78 12.54 -8.92
C LEU B 97 -17.87 12.24 -7.44
N LYS B 98 -18.60 11.18 -7.06
CA LYS B 98 -18.73 10.84 -5.64
C LYS B 98 -17.45 10.25 -5.07
N ASN B 99 -16.80 9.35 -5.81
CA ASN B 99 -15.64 8.63 -5.29
C ASN B 99 -14.36 9.15 -5.90
N PRO B 100 -13.49 9.81 -5.14
CA PRO B 100 -12.23 10.31 -5.70
C PRO B 100 -11.19 9.22 -5.82
N VAL B 101 -10.08 9.55 -6.49
CA VAL B 101 -9.03 8.61 -6.84
C VAL B 101 -7.68 9.22 -6.43
N MET B 102 -6.91 8.48 -5.64
CA MET B 102 -5.58 8.94 -5.23
C MET B 102 -4.55 8.69 -6.33
N SER B 103 -3.71 9.69 -6.58
CA SER B 103 -2.71 9.64 -7.65
C SER B 103 -1.33 9.82 -7.04
N VAL B 104 -0.43 8.87 -7.31
CA VAL B 104 0.90 8.85 -6.71
C VAL B 104 1.93 9.39 -7.70
N THR B 105 2.88 10.17 -7.18
CA THR B 105 3.97 10.73 -7.96
C THR B 105 5.22 10.74 -7.09
N TYR B 106 6.36 10.37 -7.67
CA TYR B 106 7.62 10.23 -6.94
C TYR B 106 8.59 11.33 -7.35
N GLN B 107 8.57 12.43 -6.60
CA GLN B 107 9.50 13.53 -6.84
C GLN B 107 10.87 13.18 -6.28
N GLU B 108 11.89 13.21 -7.14
CA GLU B 108 13.24 12.89 -6.71
C GLU B 108 13.89 14.10 -6.04
N VAL B 109 14.58 13.86 -4.92
CA VAL B 109 15.28 14.89 -4.17
C VAL B 109 16.68 14.35 -3.86
N ASP B 110 17.70 15.12 -4.23
CA ASP B 110 19.08 14.65 -4.09
C ASP B 110 19.62 14.72 -2.66
N SER B 111 19.04 15.58 -1.81
CA SER B 111 19.50 15.72 -0.44
C SER B 111 18.36 16.23 0.42
N PHE B 112 18.06 15.50 1.50
CA PHE B 112 16.96 15.78 2.42
C PHE B 112 17.39 16.76 3.50
N PRO B 113 16.46 17.56 4.05
CA PRO B 113 16.77 18.30 5.27
C PRO B 113 16.80 17.34 6.45
N ARG B 114 17.59 17.71 7.46
CA ARG B 114 17.88 16.80 8.56
C ARG B 114 16.70 16.73 9.53
N PRO B 115 16.07 15.57 9.70
CA PRO B 115 14.91 15.48 10.57
C PRO B 115 15.31 15.32 12.03
N GLY B 116 14.31 15.33 12.89
CA GLY B 116 14.53 15.16 14.31
C GLY B 116 13.88 13.90 14.82
N ILE B 117 14.64 13.11 15.57
CA ILE B 117 14.20 11.80 16.05
C ILE B 117 13.97 11.95 17.55
N ALA B 118 12.73 12.21 17.94
CA ALA B 118 12.43 12.54 19.34
C ALA B 118 12.27 11.26 20.15
N LEU B 119 13.40 10.74 20.64
CA LEU B 119 13.40 9.54 21.47
C LEU B 119 12.91 9.87 22.87
N TYR B 120 12.23 8.91 23.49
CA TYR B 120 11.74 9.06 24.87
C TYR B 120 12.37 7.98 25.76
N PRO B 121 13.58 8.19 26.24
CA PRO B 121 14.14 7.23 27.20
C PRO B 121 13.57 7.46 28.59
N GLY B 122 13.11 6.38 29.24
CA GLY B 122 12.62 6.52 30.61
C GLY B 122 13.74 6.76 31.60
N ASN B 123 14.58 5.76 31.80
CA ASN B 123 15.80 5.90 32.59
C ASN B 123 17.04 5.51 31.82
N ALA B 124 16.93 5.32 30.50
CA ALA B 124 18.08 4.98 29.69
C ALA B 124 18.95 6.21 29.45
N GLN B 125 20.21 5.96 29.09
CA GLN B 125 21.20 7.01 28.88
C GLN B 125 21.89 6.77 27.55
N LEU B 126 22.01 7.84 26.75
CA LEU B 126 22.62 7.71 25.44
C LEU B 126 24.14 7.58 25.58
N LEU B 127 24.71 6.62 24.87
CA LEU B 127 26.14 6.36 24.94
C LEU B 127 26.90 6.64 23.66
N SER B 128 26.22 6.70 22.52
CA SER B 128 26.85 7.01 21.25
C SER B 128 25.82 7.63 20.33
N CYS B 129 26.25 8.45 19.39
CA CYS B 129 25.32 9.04 18.40
C CYS B 129 26.17 9.34 17.17
N SER B 130 26.97 8.35 16.77
CA SER B 130 27.92 8.58 15.68
C SER B 130 27.30 8.34 14.31
N HIS B 131 27.55 9.26 13.39
CA HIS B 131 27.17 9.09 12.00
C HIS B 131 28.13 8.14 11.29
N TYR B 132 27.60 7.37 10.34
CA TYR B 132 28.42 6.48 9.52
C TYR B 132 27.92 6.54 8.09
N TYR B 133 28.84 6.60 7.13
CA TYR B 133 28.49 6.65 5.72
C TYR B 133 28.71 5.28 5.07
N HIS B 134 28.02 5.08 3.94
CA HIS B 134 28.26 4.00 2.95
C HIS B 134 28.07 2.60 3.53
N ASN B 135 27.12 2.48 4.49
CA ASN B 135 26.73 1.24 5.19
C ASN B 135 27.91 0.59 5.92
N ASP B 136 28.82 1.42 6.43
CA ASP B 136 29.96 0.93 7.18
C ASP B 136 29.66 0.98 8.67
N ILE B 137 29.23 -0.16 9.21
CA ILE B 137 29.06 -0.29 10.65
C ILE B 137 30.34 -0.90 11.21
N PRO B 138 31.08 -0.17 12.04
CA PRO B 138 32.26 -0.75 12.67
C PRO B 138 31.85 -1.58 13.87
N PRO B 139 32.73 -2.43 14.38
CA PRO B 139 32.49 -3.02 15.71
C PRO B 139 32.55 -1.97 16.79
N VAL B 140 31.60 -2.00 17.72
CA VAL B 140 31.62 -1.07 18.85
C VAL B 140 32.74 -1.47 19.79
N VAL B 141 33.54 -0.48 20.20
CA VAL B 141 34.79 -0.76 20.90
C VAL B 141 34.56 -1.19 22.35
N GLU B 142 33.50 -0.71 22.99
CA GLU B 142 33.13 -1.10 24.34
C GLU B 142 31.66 -0.82 24.55
N PRO B 143 30.94 -1.68 25.28
CA PRO B 143 29.56 -1.35 25.68
C PRO B 143 29.43 -0.47 26.92
N GLY B 144 30.52 0.19 27.33
CA GLY B 144 30.48 1.24 28.35
C GLY B 144 30.02 2.58 27.81
N ARG B 145 30.62 3.68 28.25
CA ARG B 145 30.15 5.01 27.85
C ARG B 145 31.21 5.77 27.06
N PRO B 146 31.09 5.84 25.72
CA PRO B 146 31.86 6.82 24.95
C PRO B 146 31.17 8.17 24.92
N GLN B 147 31.71 9.10 24.13
CA GLN B 147 31.15 10.44 24.00
C GLN B 147 30.34 10.55 22.71
N GLU B 148 29.31 11.39 22.74
CA GLU B 148 28.43 11.56 21.61
C GLU B 148 29.11 12.39 20.51
N ILE B 149 28.51 12.36 19.32
CA ILE B 149 28.97 13.14 18.18
C ILE B 149 27.88 14.08 17.68
N ASP B 150 26.68 13.57 17.46
CA ASP B 150 25.57 14.39 16.99
C ASP B 150 25.00 15.25 18.11
N CYS B 151 24.21 16.24 17.72
CA CYS B 151 23.69 17.22 18.67
C CYS B 151 22.39 16.75 19.26
N VAL B 152 22.35 16.62 20.58
CA VAL B 152 21.16 16.19 21.29
C VAL B 152 20.54 17.38 22.02
N VAL B 153 19.21 17.41 22.07
CA VAL B 153 18.46 18.48 22.73
C VAL B 153 17.57 17.81 23.77
N THR B 154 18.03 17.76 25.02
CA THR B 154 17.22 17.21 26.09
C THR B 154 16.22 18.26 26.56
N GLU B 155 14.94 18.00 26.33
CA GLU B 155 13.88 18.92 26.73
C GLU B 155 12.77 18.16 27.43
N VAL B 156 12.08 18.84 28.34
CA VAL B 156 11.05 18.24 29.18
C VAL B 156 9.71 18.88 28.83
N THR B 157 8.85 18.11 28.19
CA THR B 157 7.50 18.52 27.82
C THR B 157 6.48 17.78 28.67
N TYR B 158 5.25 18.30 28.70
CA TYR B 158 4.17 17.63 29.40
C TYR B 158 2.86 17.88 28.66
N VAL B 159 2.25 16.81 28.15
CA VAL B 159 0.93 16.88 27.54
C VAL B 159 0.04 15.81 28.18
N LYS B 168 7.59 13.95 30.90
CA LYS B 168 8.37 13.15 29.96
C LYS B 168 9.49 13.96 29.33
N ARG B 169 10.66 13.34 29.19
CA ARG B 169 11.78 13.96 28.51
C ARG B 169 11.92 13.42 27.10
N ALA B 170 12.34 14.29 26.19
CA ALA B 170 12.40 13.99 24.75
C ALA B 170 13.81 14.31 24.26
N LEU B 171 14.68 13.32 24.29
CA LEU B 171 16.05 13.49 23.83
C LEU B 171 16.11 13.54 22.32
N VAL B 172 15.95 14.72 21.74
CA VAL B 172 15.82 14.89 20.29
C VAL B 172 17.20 14.75 19.64
N VAL B 173 17.31 13.84 18.69
CA VAL B 173 18.55 13.56 17.96
C VAL B 173 18.39 14.05 16.53
N ARG B 174 19.35 14.84 16.06
CA ARG B 174 19.34 15.30 14.67
C ARG B 174 19.63 14.14 13.73
N GLY B 175 18.73 13.92 12.77
CA GLY B 175 18.81 12.75 11.92
C GLY B 175 19.78 12.89 10.77
N PRO B 176 19.70 11.98 9.80
CA PRO B 176 20.63 12.03 8.67
C PRO B 176 20.13 12.78 7.46
N SER B 177 21.05 13.48 6.80
CA SER B 177 20.87 13.96 5.44
C SER B 177 21.73 13.11 4.53
N GLU B 178 21.83 13.52 3.26
CA GLU B 178 22.69 12.93 2.20
C GLU B 178 22.33 11.45 1.95
N VAL B 179 21.13 11.28 1.38
CA VAL B 179 20.54 9.98 1.10
C VAL B 179 21.37 9.18 0.09
N ARG B 180 22.02 9.87 -0.86
CA ARG B 180 22.82 9.20 -1.88
C ARG B 180 24.15 8.70 -1.34
N SER B 181 24.65 9.25 -0.24
CA SER B 181 25.86 8.78 0.38
C SER B 181 25.60 7.75 1.47
N LYS B 182 24.31 7.42 1.71
CA LYS B 182 23.84 6.43 2.70
C LYS B 182 24.31 6.74 4.12
N GLU B 183 23.87 7.88 4.67
CA GLU B 183 24.26 8.25 6.02
C GLU B 183 23.22 7.72 7.01
N MET B 184 23.71 7.19 8.13
CA MET B 184 22.87 6.63 9.18
C MET B 184 23.30 7.21 10.52
N VAL B 185 22.42 7.08 11.51
CA VAL B 185 22.68 7.57 12.87
C VAL B 185 22.71 6.36 13.77
N PHE B 186 23.88 5.79 13.99
CA PHE B 186 24.02 4.67 14.92
C PHE B 186 24.01 5.21 16.35
N MET B 187 23.10 4.69 17.18
CA MET B 187 23.00 5.14 18.55
C MET B 187 22.90 3.93 19.47
N GLN B 188 23.20 4.15 20.75
CA GLN B 188 23.27 3.06 21.71
C GLN B 188 22.84 3.56 23.08
N PHE B 189 21.86 2.88 23.68
CA PHE B 189 21.36 3.19 25.01
C PHE B 189 21.74 2.08 25.98
N SER B 190 21.45 2.32 27.25
CA SER B 190 21.68 1.34 28.31
C SER B 190 20.79 1.68 29.49
N SER B 191 20.18 0.67 30.09
CA SER B 191 19.27 0.89 31.21
C SER B 191 19.31 -0.31 32.14
N ASN B 192 19.58 -0.06 33.42
CA ASN B 192 19.49 -1.10 34.45
C ASN B 192 18.09 -1.03 35.05
N GLU B 193 17.15 -1.62 34.32
CA GLU B 193 15.74 -1.53 34.68
C GLU B 193 15.40 -2.45 35.84
N THR B 194 14.59 -1.92 36.75
CA THR B 194 14.13 -2.67 37.91
C THR B 194 12.63 -2.60 38.14
N GLY B 195 11.94 -1.60 37.61
CA GLY B 195 10.52 -1.47 37.83
C GLY B 195 9.68 -1.96 36.67
N GLU B 196 10.16 -1.76 35.45
CA GLU B 196 9.45 -2.21 34.26
C GLU B 196 9.96 -3.58 33.84
N ASP B 197 9.13 -4.30 33.10
CA ASP B 197 9.48 -5.62 32.60
C ASP B 197 9.27 -5.76 31.10
N PHE B 198 9.20 -4.67 30.36
CA PHE B 198 9.20 -4.68 28.90
C PHE B 198 10.15 -3.57 28.45
N SER B 199 11.31 -3.98 27.96
CA SER B 199 12.38 -3.05 27.63
C SER B 199 12.09 -2.44 26.26
N ALA B 200 11.46 -1.28 26.25
CA ALA B 200 11.19 -0.58 25.01
C ALA B 200 11.56 0.88 25.16
N ILE B 201 11.85 1.52 24.04
CA ILE B 201 12.11 2.96 23.96
C ILE B 201 11.28 3.50 22.82
N SER B 202 10.38 4.44 23.12
CA SER B 202 9.58 5.01 22.06
C SER B 202 10.35 6.09 21.34
N TYR B 203 9.92 6.40 20.12
CA TYR B 203 10.46 7.53 19.39
C TYR B 203 9.37 8.12 18.51
N MET B 204 9.73 9.20 17.83
CA MET B 204 8.79 9.97 17.01
C MET B 204 9.62 10.86 16.10
N ILE B 205 9.31 10.86 14.81
CA ILE B 205 10.11 11.55 13.81
C ILE B 205 9.30 12.71 13.25
N PHE B 206 9.82 13.93 13.39
CA PHE B 206 9.23 15.09 12.74
C PHE B 206 10.12 15.57 11.60
N ALA B 207 9.61 16.55 10.86
CA ALA B 207 10.10 16.80 9.51
C ALA B 207 11.39 17.62 9.47
N ASP B 208 11.65 18.46 10.46
CA ASP B 208 12.83 19.32 10.41
C ASP B 208 13.36 19.56 11.82
N PHE B 209 14.68 19.47 11.97
CA PHE B 209 15.31 19.63 13.27
C PHE B 209 15.57 21.10 13.59
N THR B 210 15.86 21.91 12.57
CA THR B 210 16.12 23.34 12.77
C THR B 210 14.89 24.12 13.18
N ASP B 211 13.69 23.59 12.92
CA ASP B 211 12.45 24.20 13.41
C ASP B 211 12.34 24.09 14.93
N LEU B 212 12.96 23.08 15.54
CA LEU B 212 12.93 22.95 16.98
C LEU B 212 13.88 23.95 17.66
N ILE B 213 15.12 24.03 17.19
CA ILE B 213 16.07 24.94 17.79
C ILE B 213 15.86 26.38 17.37
N ASP B 214 15.12 26.63 16.28
CA ASP B 214 14.74 27.97 15.87
C ASP B 214 13.32 28.31 16.29
N SER B 215 12.89 27.78 17.43
CA SER B 215 11.59 28.10 18.00
C SER B 215 11.78 28.92 19.27
N GLN B 216 10.80 29.77 19.57
CA GLN B 216 10.88 30.61 20.75
C GLN B 216 10.60 29.82 22.02
N ASN B 217 9.81 28.75 21.95
CA ASN B 217 9.63 27.83 23.05
C ASN B 217 9.45 26.43 22.48
N LYS B 218 10.33 25.51 22.89
CA LYS B 218 10.35 24.12 22.33
C LYS B 218 9.22 23.25 22.88
N SER B 219 8.68 23.57 24.05
CA SER B 219 7.62 22.78 24.66
C SER B 219 6.25 23.02 24.05
N ARG B 220 6.08 24.10 23.27
CA ARG B 220 4.87 24.25 22.49
C ARG B 220 4.92 23.38 21.24
N PHE B 221 6.05 23.37 20.55
CA PHE B 221 6.18 22.65 19.28
C PHE B 221 6.23 21.14 19.48
N MET B 222 6.91 20.69 20.54
CA MET B 222 6.94 19.25 20.81
C MET B 222 5.61 18.77 21.34
N GLY B 223 4.90 19.61 22.10
CA GLY B 223 3.54 19.29 22.49
C GLY B 223 2.71 19.14 21.24
N GLU B 224 2.83 20.07 20.30
CA GLU B 224 1.98 20.04 19.12
C GLU B 224 2.26 18.76 18.32
N CYS B 225 3.53 18.42 18.09
CA CYS B 225 3.83 17.14 17.45
C CYS B 225 3.50 15.89 18.25
N GLU B 226 3.28 15.98 19.56
CA GLU B 226 2.87 14.78 20.31
C GLU B 226 1.40 14.41 20.11
N THR B 227 0.61 15.24 19.42
CA THR B 227 -0.77 14.90 19.08
C THR B 227 -0.93 14.35 17.67
N ASN B 228 -0.18 14.87 16.70
CA ASN B 228 -0.35 14.49 15.31
C ASN B 228 0.66 13.44 14.84
N CYS B 229 1.93 13.60 15.20
CA CYS B 229 2.97 12.67 14.76
C CYS B 229 2.87 11.37 15.56
N SER B 230 3.03 10.24 14.88
CA SER B 230 2.79 8.92 15.46
C SER B 230 4.07 8.32 16.04
N ARG B 231 3.89 7.44 17.02
CA ARG B 231 4.99 6.93 17.84
C ARG B 231 5.18 5.44 17.62
N TRP B 232 6.38 5.05 17.22
CA TRP B 232 6.80 3.66 17.18
C TRP B 232 7.72 3.38 18.35
N THR B 233 8.13 2.12 18.50
CA THR B 233 9.06 1.71 19.55
C THR B 233 10.16 0.83 18.95
N PHE B 234 11.25 0.65 19.70
CA PHE B 234 12.19 -0.42 19.43
C PHE B 234 12.57 -1.11 20.73
N SER B 235 13.14 -2.30 20.60
CA SER B 235 13.23 -3.25 21.69
C SER B 235 14.60 -3.18 22.37
N GLY B 236 14.76 -4.02 23.39
CA GLY B 236 15.98 -4.05 24.17
C GLY B 236 16.82 -5.29 23.95
N GLY B 237 17.95 -5.13 23.26
CA GLY B 237 18.78 -6.26 22.89
C GLY B 237 18.90 -6.47 21.40
N PHE B 238 18.26 -5.65 20.57
CA PHE B 238 18.24 -5.84 19.13
C PHE B 238 18.63 -4.55 18.43
N ARG B 239 19.43 -4.66 17.38
CA ARG B 239 19.66 -3.52 16.48
C ARG B 239 18.43 -3.36 15.59
N THR B 240 17.84 -2.17 15.60
CA THR B 240 16.59 -1.89 14.88
C THR B 240 16.89 -0.93 13.74
N TRP B 241 17.16 -1.48 12.56
CA TRP B 241 17.50 -0.68 11.38
C TRP B 241 16.23 -0.04 10.84
N VAL B 242 16.02 1.24 11.17
CA VAL B 242 14.82 1.96 10.78
C VAL B 242 15.10 2.70 9.47
N LYS B 243 14.32 2.39 8.43
CA LYS B 243 14.48 3.03 7.12
C LYS B 243 13.24 3.88 6.86
N MET B 244 13.37 5.18 7.01
CA MET B 244 12.25 6.09 6.90
C MET B 244 12.13 6.69 5.49
N SER B 245 10.96 7.24 5.21
CA SER B 245 10.66 7.83 3.91
C SER B 245 9.50 8.80 4.08
N LEU B 246 9.49 9.83 3.25
CA LEU B 246 8.49 10.88 3.34
C LEU B 246 7.28 10.56 2.47
N VAL B 247 6.14 11.12 2.87
CA VAL B 247 4.91 11.13 2.07
C VAL B 247 4.31 12.53 2.18
N LYS B 248 4.13 13.21 1.06
CA LYS B 248 3.53 14.54 1.03
C LYS B 248 2.13 14.43 0.43
N THR B 249 1.13 14.93 1.16
CA THR B 249 -0.25 14.88 0.74
C THR B 249 -0.71 16.26 0.31
N PHE B 250 -1.48 16.33 -0.77
CA PHE B 250 -2.00 17.57 -1.31
C PHE B 250 -3.53 17.56 -1.26
N GLY B 251 -4.13 18.59 -1.83
CA GLY B 251 -5.57 18.71 -1.85
C GLY B 251 -6.07 20.13 -1.71
N ASP B 255 1.46 20.25 1.11
CA ASP B 255 0.68 20.67 2.26
C ASP B 255 1.13 19.92 3.51
N SER B 256 0.57 18.74 3.74
CA SER B 256 0.91 17.91 4.89
C SER B 256 2.06 16.97 4.54
N VAL B 257 2.91 16.68 5.52
CA VAL B 257 4.09 15.85 5.32
C VAL B 257 4.24 14.94 6.53
N GLU B 258 4.31 13.62 6.27
CA GLU B 258 4.41 12.64 7.34
C GLU B 258 5.42 11.58 6.96
N PHE B 259 5.84 10.81 7.97
CA PHE B 259 6.83 9.76 7.81
C PHE B 259 6.19 8.39 7.85
N ARG B 260 6.93 7.40 7.35
CA ARG B 260 6.59 6.00 7.57
C ARG B 260 7.88 5.19 7.55
N GLN B 261 8.02 4.27 8.50
CA GLN B 261 9.29 3.51 8.61
C GLN B 261 9.02 2.01 8.52
N GLU B 262 10.11 1.25 8.37
CA GLU B 262 10.12 -0.23 8.27
C GLU B 262 11.32 -0.74 9.06
N SER B 263 11.07 -1.33 10.24
CA SER B 263 12.14 -1.80 11.11
C SER B 263 12.68 -3.13 10.62
N ALA B 264 13.85 -3.51 11.12
CA ALA B 264 14.45 -4.81 10.85
C ALA B 264 15.28 -5.21 12.07
N VAL B 265 14.78 -6.20 12.81
CA VAL B 265 15.34 -6.59 14.10
C VAL B 265 16.42 -7.64 13.88
N VAL B 266 17.60 -7.42 14.45
CA VAL B 266 18.74 -8.32 14.36
C VAL B 266 19.28 -8.50 15.78
N LYS B 267 19.43 -9.75 16.22
CA LYS B 267 19.78 -10.04 17.61
C LYS B 267 21.24 -9.71 17.91
N PHE B 268 21.46 -8.99 19.01
CA PHE B 268 22.78 -8.65 19.50
C PHE B 268 23.19 -9.70 20.53
N ASN B 269 24.24 -10.46 20.23
CA ASN B 269 24.70 -11.48 21.15
C ASN B 269 25.68 -10.88 22.16
N ASP B 270 25.36 -11.04 23.44
CA ASP B 270 26.17 -10.49 24.53
C ASP B 270 27.42 -11.33 24.70
N ARG B 271 28.58 -10.70 24.57
CA ARG B 271 29.87 -11.31 24.90
C ARG B 271 30.53 -10.54 26.04
N ARG B 272 29.72 -10.12 27.01
CA ARG B 272 30.18 -9.39 28.19
C ARG B 272 30.30 -10.38 29.35
N PRO B 273 31.03 -10.04 30.41
CA PRO B 273 30.95 -10.82 31.65
C PRO B 273 29.56 -10.71 32.27
N ALA B 274 29.20 -11.76 33.03
CA ALA B 274 27.82 -11.90 33.48
C ALA B 274 27.52 -11.07 34.73
N ALA B 275 28.52 -10.41 35.30
CA ALA B 275 28.29 -9.52 36.42
C ALA B 275 27.62 -8.23 35.97
N GLU B 276 27.99 -7.72 34.79
CA GLU B 276 27.45 -6.48 34.26
C GLU B 276 26.40 -6.70 33.18
N GLN B 277 25.80 -7.90 33.10
CA GLN B 277 24.73 -8.15 32.14
C GLN B 277 23.35 -7.87 32.70
N ILE B 278 23.25 -7.12 33.80
CA ILE B 278 21.93 -6.80 34.36
C ILE B 278 21.29 -5.66 33.60
N ASN B 279 22.09 -4.84 32.91
CA ASN B 279 21.55 -3.72 32.14
C ASN B 279 21.43 -4.11 30.67
N GLN B 280 20.31 -3.74 30.07
CA GLN B 280 20.05 -4.01 28.66
C GLN B 280 20.81 -3.03 27.77
N LEU B 281 20.84 -3.32 26.48
CA LEU B 281 21.46 -2.46 25.48
C LEU B 281 20.51 -2.28 24.32
N TYR B 282 20.31 -1.03 23.90
CA TYR B 282 19.31 -0.65 22.92
C TYR B 282 20.06 -0.02 21.75
N PHE B 283 20.21 -0.73 20.64
CA PHE B 283 20.83 -0.17 19.45
C PHE B 283 19.76 0.24 18.45
N ALA B 284 20.07 1.23 17.62
CA ALA B 284 19.14 1.70 16.61
C ALA B 284 19.91 2.34 15.47
N VAL B 285 19.43 2.13 14.25
CA VAL B 285 20.03 2.68 13.05
C VAL B 285 18.93 3.41 12.28
N PHE B 286 19.08 4.70 12.07
CA PHE B 286 18.10 5.51 11.34
C PHE B 286 18.73 5.99 10.05
N GLN B 287 18.22 5.52 8.91
CA GLN B 287 18.72 6.01 7.64
C GLN B 287 17.54 6.22 6.70
N TRP B 288 17.80 6.89 5.58
CA TRP B 288 16.79 7.10 4.56
C TRP B 288 16.76 5.92 3.60
N ARG B 289 15.57 5.64 3.07
CA ARG B 289 15.41 4.45 2.25
C ARG B 289 15.87 4.67 0.82
N ASP B 290 15.28 5.65 0.15
CA ASP B 290 15.55 5.91 -1.26
C ASP B 290 15.35 7.41 -1.52
N PRO B 291 16.13 8.00 -2.44
CA PRO B 291 15.99 9.46 -2.70
C PRO B 291 14.76 9.82 -3.53
N TYR B 292 13.59 9.68 -2.91
CA TYR B 292 12.33 10.05 -3.52
C TYR B 292 11.40 10.56 -2.44
N ILE B 293 10.46 11.43 -2.83
CA ILE B 293 9.38 11.86 -1.97
C ILE B 293 8.08 11.49 -2.66
N GLN B 294 7.31 10.59 -2.05
CA GLN B 294 6.03 10.19 -2.62
C GLN B 294 5.02 11.31 -2.43
N GLN B 295 4.37 11.71 -3.52
CA GLN B 295 3.39 12.78 -3.50
C GLN B 295 2.01 12.19 -3.77
N ASN B 296 1.06 12.50 -2.89
CA ASN B 296 -0.31 12.00 -3.00
C ASN B 296 -1.24 13.17 -3.30
N LYS B 297 -1.91 13.11 -4.44
CA LYS B 297 -2.91 14.09 -4.84
C LYS B 297 -4.25 13.38 -4.98
N MET B 298 -5.28 13.92 -4.35
CA MET B 298 -6.63 13.38 -4.52
C MET B 298 -7.25 13.95 -5.78
N ILE B 299 -7.54 13.05 -6.74
CA ILE B 299 -8.06 13.48 -8.09
C ILE B 299 -9.41 12.82 -8.36
N VAL B 300 -10.34 13.60 -8.95
CA VAL B 300 -11.68 13.14 -9.30
C VAL B 300 -11.70 12.87 -10.79
N THR B 301 -12.18 11.68 -11.18
CA THR B 301 -12.14 11.27 -12.57
C THR B 301 -13.36 11.69 -13.37
N ALA B 302 -14.24 12.51 -12.80
CA ALA B 302 -15.40 13.03 -13.51
C ALA B 302 -15.13 14.44 -14.03
N ASN B 303 -15.65 14.73 -15.21
CA ASN B 303 -15.48 16.04 -15.85
C ASN B 303 -16.84 16.71 -15.98
N PRO B 304 -17.16 17.72 -15.17
CA PRO B 304 -18.50 18.32 -15.23
C PRO B 304 -18.73 19.25 -16.41
N TRP B 305 -17.70 20.04 -16.75
CA TRP B 305 -17.77 20.97 -17.90
C TRP B 305 -17.90 20.16 -19.18
N SER B 306 -17.11 19.09 -19.31
CA SER B 306 -17.17 18.19 -20.50
C SER B 306 -18.56 17.54 -20.54
N SER B 307 -19.07 17.13 -19.37
CA SER B 307 -20.42 16.51 -19.28
C SER B 307 -21.48 17.52 -19.73
N ILE B 308 -21.34 18.79 -19.32
CA ILE B 308 -22.30 19.86 -19.71
C ILE B 308 -22.24 20.02 -21.23
N ALA B 309 -21.03 20.00 -21.80
CA ALA B 309 -20.86 20.13 -23.26
C ALA B 309 -21.53 18.93 -23.95
N ILE B 310 -21.18 17.71 -23.49
CA ILE B 310 -21.74 16.47 -24.03
C ILE B 310 -23.27 16.53 -24.05
N LEU B 311 -23.87 17.16 -23.03
CA LEU B 311 -25.32 17.40 -23.02
C LEU B 311 -25.74 18.39 -24.09
N SER B 312 -24.89 19.39 -24.40
CA SER B 312 -25.17 20.30 -25.50
C SER B 312 -25.09 19.60 -26.85
N GLY B 313 -24.13 18.69 -27.01
CA GLY B 313 -24.04 17.90 -28.23
C GLY B 313 -25.16 16.89 -28.39
N VAL B 314 -25.73 16.42 -27.27
CA VAL B 314 -26.91 15.55 -27.34
C VAL B 314 -28.15 16.36 -27.70
N PHE B 315 -28.33 17.52 -27.06
CA PHE B 315 -29.51 18.34 -27.26
C PHE B 315 -29.51 19.08 -28.59
N MET B 316 -28.38 18.98 -29.30
CA MET B 316 -28.22 19.56 -30.66
C MET B 316 -28.64 18.49 -31.68
N ALA B 317 -28.32 17.23 -31.40
CA ALA B 317 -28.64 16.11 -32.29
C ALA B 317 -30.07 15.64 -32.12
N LEU B 318 -30.68 15.91 -30.97
CA LEU B 318 -32.12 15.70 -30.79
C LEU B 318 -32.94 16.64 -31.67
N PHE B 319 -32.43 17.84 -31.97
CA PHE B 319 -33.09 18.70 -32.95
C PHE B 319 -32.79 18.25 -34.38
N LYS B 320 -31.52 17.89 -34.61
CA LYS B 320 -31.05 17.48 -35.96
C LYS B 320 -31.81 16.26 -36.48
N ALA B 321 -31.86 15.19 -35.68
CA ALA B 321 -32.50 13.96 -36.13
C ALA B 321 -34.01 14.11 -36.26
N ALA B 322 -34.61 15.01 -35.46
CA ALA B 322 -36.03 15.33 -35.63
C ALA B 322 -36.28 16.12 -36.91
N ASN B 323 -35.38 17.02 -37.28
CA ASN B 323 -35.50 17.73 -38.56
C ASN B 323 -35.27 16.80 -39.74
N PHE B 324 -34.36 15.84 -39.61
CA PHE B 324 -34.13 14.85 -40.66
C PHE B 324 -35.31 13.89 -40.79
N ALA B 325 -35.96 13.55 -39.68
CA ALA B 325 -37.18 12.75 -39.73
C ALA B 325 -38.36 13.53 -40.31
N LYS B 326 -38.41 14.84 -40.06
CA LYS B 326 -39.43 15.69 -40.69
C LYS B 326 -39.19 15.84 -42.18
N LEU B 327 -37.93 15.80 -42.63
CA LEU B 327 -37.66 15.80 -44.06
C LEU B 327 -37.98 14.45 -44.69
N THR B 328 -37.70 13.36 -43.99
CA THR B 328 -37.92 12.01 -44.54
C THR B 328 -39.39 11.65 -44.55
N ILE B 329 -40.19 12.22 -43.64
CA ILE B 329 -41.61 11.93 -43.59
C ILE B 329 -42.36 12.59 -44.74
N GLN B 330 -41.82 13.67 -45.31
CA GLN B 330 -42.38 14.28 -46.50
C GLN B 330 -41.73 13.77 -47.77
N TRP B 331 -40.49 13.30 -47.69
CA TRP B 331 -39.82 12.76 -48.87
C TRP B 331 -40.29 11.36 -49.24
N ILE B 332 -40.96 10.65 -48.32
CA ILE B 332 -41.41 9.30 -48.62
C ILE B 332 -42.69 9.27 -49.45
N ILE B 333 -43.40 10.39 -49.55
CA ILE B 333 -44.62 10.47 -50.36
C ILE B 333 -44.44 11.55 -51.41
N ARG B 334 -43.20 11.77 -51.85
CA ARG B 334 -42.92 12.76 -52.87
C ARG B 334 -43.28 12.26 -54.27
N ASN C 65 -32.90 52.27 -33.41
CA ASN C 65 -32.59 50.92 -33.88
C ASN C 65 -31.56 50.25 -32.98
N VAL C 66 -32.02 49.77 -31.83
CA VAL C 66 -31.14 49.15 -30.84
C VAL C 66 -31.18 47.62 -30.94
N PHE C 67 -31.66 47.08 -32.06
CA PHE C 67 -31.76 45.63 -32.21
C PHE C 67 -30.41 45.00 -32.54
N THR C 68 -29.58 45.70 -33.32
CA THR C 68 -28.27 45.16 -33.66
C THR C 68 -27.30 45.24 -32.49
N VAL C 69 -27.52 46.18 -31.57
CA VAL C 69 -26.73 46.24 -30.34
C VAL C 69 -27.06 45.07 -29.42
N LEU C 70 -28.34 44.68 -29.37
CA LEU C 70 -28.74 43.52 -28.59
C LEU C 70 -28.30 42.22 -29.25
N LEU C 71 -28.26 42.18 -30.59
CA LEU C 71 -27.75 41.02 -31.29
C LEU C 71 -26.23 40.88 -31.11
N ILE C 72 -25.51 42.00 -31.07
CA ILE C 72 -24.09 41.97 -30.78
C ILE C 72 -23.83 41.62 -29.31
N LEU C 73 -24.76 41.99 -28.42
CA LEU C 73 -24.65 41.63 -27.01
C LEU C 73 -24.85 40.13 -26.78
N ILE C 74 -25.85 39.54 -27.44
CA ILE C 74 -26.09 38.10 -27.26
C ILE C 74 -25.03 37.29 -28.03
N TYR C 75 -24.46 37.83 -29.12
CA TYR C 75 -23.36 37.14 -29.79
C TYR C 75 -22.06 37.24 -29.00
N LEU C 76 -21.85 38.37 -28.31
CA LEU C 76 -20.69 38.52 -27.44
C LEU C 76 -20.80 37.64 -26.20
N LEU C 77 -22.02 37.49 -25.66
CA LEU C 77 -22.23 36.59 -24.53
C LEU C 77 -22.10 35.12 -24.94
N LEU C 78 -22.50 34.78 -26.17
CA LEU C 78 -22.34 33.42 -26.65
C LEU C 78 -20.89 33.07 -26.94
N THR C 79 -20.12 33.99 -27.52
CA THR C 79 -18.71 33.70 -27.71
C THR C 79 -17.92 33.82 -26.40
N ALA C 80 -18.43 34.54 -25.40
CA ALA C 80 -17.82 34.53 -24.08
C ALA C 80 -18.04 33.20 -23.37
N LEU C 81 -19.24 32.63 -23.51
CA LEU C 81 -19.54 31.32 -22.94
C LEU C 81 -18.76 30.21 -23.66
N ALA C 82 -18.60 30.34 -24.98
CA ALA C 82 -17.83 29.37 -25.75
C ALA C 82 -16.33 29.46 -25.45
N ALA C 83 -15.81 30.67 -25.25
CA ALA C 83 -14.42 30.83 -24.87
C ALA C 83 -14.16 30.39 -23.43
N PHE C 84 -15.16 30.53 -22.55
CA PHE C 84 -15.03 30.05 -21.18
C PHE C 84 -15.03 28.52 -21.12
N LEU C 85 -15.90 27.88 -21.92
CA LEU C 85 -15.90 26.41 -21.99
C LEU C 85 -14.65 25.88 -22.68
N ALA C 86 -14.14 26.60 -23.69
CA ALA C 86 -12.91 26.18 -24.36
C ALA C 86 -11.67 26.41 -23.52
N TYR C 87 -11.71 27.36 -22.56
CA TYR C 87 -10.60 27.46 -21.61
C TYR C 87 -10.71 26.37 -20.55
N GLN C 88 -11.92 26.11 -20.05
CA GLN C 88 -12.11 25.20 -18.93
C GLN C 88 -11.86 23.74 -19.31
N THR C 89 -12.21 23.35 -20.55
CA THR C 89 -11.98 21.98 -21.00
C THR C 89 -10.50 21.69 -21.19
N ILE C 90 -9.75 22.64 -21.77
CA ILE C 90 -8.31 22.51 -21.98
C ILE C 90 -7.56 22.53 -20.65
N SER C 91 -8.02 23.36 -19.68
CA SER C 91 -7.40 23.40 -18.36
C SER C 91 -7.67 22.12 -17.56
N GLU C 92 -8.89 21.57 -17.65
CA GLU C 92 -9.22 20.35 -16.94
C GLU C 92 -8.53 19.13 -17.56
N VAL C 93 -8.38 19.12 -18.89
CA VAL C 93 -7.71 18.00 -19.56
C VAL C 93 -6.20 18.05 -19.32
N LEU C 94 -5.61 19.24 -19.23
CA LEU C 94 -4.20 19.34 -18.87
C LEU C 94 -3.95 19.01 -17.40
N GLU C 95 -4.91 19.33 -16.51
CA GLU C 95 -4.76 18.98 -15.11
C GLU C 95 -4.90 17.48 -14.87
N LYS C 96 -5.82 16.82 -15.57
CA LYS C 96 -5.91 15.37 -15.47
C LYS C 96 -4.86 14.66 -16.32
N LEU C 97 -4.19 15.36 -17.22
CA LEU C 97 -3.08 14.79 -17.98
C LEU C 97 -1.75 14.91 -17.25
N LYS C 98 -1.64 15.84 -16.29
CA LYS C 98 -0.38 16.01 -15.56
C LYS C 98 -0.14 14.86 -14.58
N ASN C 99 -1.18 14.45 -13.84
CA ASN C 99 -1.00 13.47 -12.77
C ASN C 99 -1.54 12.11 -13.20
N PRO C 100 -0.69 11.10 -13.40
CA PRO C 100 -1.20 9.78 -13.80
C PRO C 100 -1.75 9.00 -12.60
N VAL C 101 -2.38 7.87 -12.90
CA VAL C 101 -3.10 7.05 -11.93
C VAL C 101 -2.64 5.60 -12.10
N MET C 102 -2.18 4.98 -11.01
CA MET C 102 -1.77 3.58 -11.05
C MET C 102 -2.99 2.66 -10.95
N SER C 103 -3.01 1.63 -11.80
CA SER C 103 -4.12 0.69 -11.89
C SER C 103 -3.62 -0.71 -11.59
N VAL C 104 -4.24 -1.38 -10.61
CA VAL C 104 -3.79 -2.69 -10.14
C VAL C 104 -4.67 -3.78 -10.74
N THR C 105 -4.03 -4.90 -11.11
CA THR C 105 -4.71 -6.06 -11.67
C THR C 105 -3.99 -7.30 -11.15
N TYR C 106 -4.76 -8.32 -10.77
CA TYR C 106 -4.22 -9.54 -10.15
C TYR C 106 -4.37 -10.71 -11.12
N GLN C 107 -3.32 -10.96 -11.90
CA GLN C 107 -3.30 -12.09 -12.81
C GLN C 107 -2.99 -13.37 -12.05
N GLU C 108 -3.89 -14.35 -12.13
CA GLU C 108 -3.71 -15.61 -11.44
C GLU C 108 -2.77 -16.52 -12.22
N VAL C 109 -1.84 -17.17 -11.50
CA VAL C 109 -0.88 -18.10 -12.08
C VAL C 109 -0.88 -19.35 -11.21
N ASP C 110 -1.10 -20.51 -11.84
CA ASP C 110 -1.24 -21.75 -11.08
C ASP C 110 0.10 -22.33 -10.60
N SER C 111 1.21 -21.97 -11.25
CA SER C 111 2.52 -22.49 -10.85
C SER C 111 3.60 -21.50 -11.28
N PHE C 112 4.42 -21.07 -10.32
CA PHE C 112 5.48 -20.09 -10.51
C PHE C 112 6.76 -20.75 -10.99
N PRO C 113 7.61 -20.03 -11.74
CA PRO C 113 8.97 -20.53 -11.98
C PRO C 113 9.80 -20.38 -10.73
N ARG C 114 10.80 -21.25 -10.59
CA ARG C 114 11.54 -21.37 -9.35
C ARG C 114 12.53 -20.23 -9.21
N PRO C 115 12.41 -19.37 -8.20
CA PRO C 115 13.32 -18.23 -8.07
C PRO C 115 14.61 -18.63 -7.39
N GLY C 116 15.53 -17.67 -7.33
CA GLY C 116 16.80 -17.88 -6.68
C GLY C 116 16.97 -16.99 -5.47
N ILE C 117 17.36 -17.57 -4.35
CA ILE C 117 17.48 -16.87 -3.08
C ILE C 117 18.96 -16.72 -2.79
N ALA C 118 19.53 -15.58 -3.14
CA ALA C 118 20.98 -15.39 -3.08
C ALA C 118 21.37 -14.98 -1.67
N LEU C 119 21.58 -15.98 -0.81
CA LEU C 119 22.00 -15.74 0.56
C LEU C 119 23.47 -15.36 0.60
N TYR C 120 23.84 -14.51 1.56
CA TYR C 120 25.24 -14.10 1.75
C TYR C 120 25.69 -14.49 3.15
N PRO C 121 26.12 -15.75 3.35
CA PRO C 121 26.69 -16.11 4.65
C PRO C 121 28.12 -15.63 4.78
N GLY C 122 28.46 -14.97 5.88
CA GLY C 122 29.83 -14.55 6.08
C GLY C 122 30.76 -15.72 6.40
N ASN C 123 30.56 -16.33 7.56
CA ASN C 123 31.25 -17.57 7.92
C ASN C 123 30.27 -18.68 8.28
N ALA C 124 28.98 -18.49 8.03
CA ALA C 124 28.00 -19.52 8.31
C ALA C 124 28.06 -20.63 7.28
N GLN C 125 27.53 -21.80 7.65
CA GLN C 125 27.56 -22.98 6.79
C GLN C 125 26.16 -23.57 6.73
N LEU C 126 25.71 -23.89 5.52
CA LEU C 126 24.37 -24.45 5.34
C LEU C 126 24.34 -25.89 5.81
N LEU C 127 23.31 -26.23 6.58
CA LEU C 127 23.17 -27.56 7.15
C LEU C 127 21.98 -28.33 6.63
N SER C 128 20.97 -27.66 6.09
CA SER C 128 19.79 -28.31 5.52
C SER C 128 19.21 -27.41 4.45
N CYS C 129 18.52 -27.99 3.48
CA CYS C 129 17.85 -27.19 2.43
C CYS C 129 16.70 -28.05 1.94
N SER C 130 15.94 -28.61 2.90
CA SER C 130 14.90 -29.55 2.53
C SER C 130 13.58 -28.86 2.20
N HIS C 131 12.96 -29.28 1.10
CA HIS C 131 11.62 -28.84 0.74
C HIS C 131 10.57 -29.55 1.59
N TYR C 132 9.49 -28.85 1.91
CA TYR C 132 8.36 -29.44 2.64
C TYR C 132 7.08 -28.91 2.02
N TYR C 133 6.10 -29.81 1.85
CA TYR C 133 4.81 -29.43 1.30
C TYR C 133 3.76 -29.34 2.41
N HIS C 134 2.68 -28.59 2.10
CA HIS C 134 1.41 -28.57 2.84
C HIS C 134 1.55 -28.09 4.28
N ASN C 135 2.50 -27.17 4.51
CA ASN C 135 2.83 -26.54 5.80
C ASN C 135 3.22 -27.56 6.87
N ASP C 136 3.87 -28.64 6.44
CA ASP C 136 4.33 -29.68 7.35
C ASP C 136 5.78 -29.43 7.72
N ILE C 137 6.00 -28.77 8.86
CA ILE C 137 7.34 -28.61 9.41
C ILE C 137 7.56 -29.74 10.39
N PRO C 138 8.50 -30.64 10.13
CA PRO C 138 8.82 -31.67 11.10
C PRO C 138 9.74 -31.13 12.16
N PRO C 139 9.89 -31.82 13.30
CA PRO C 139 11.00 -31.49 14.21
C PRO C 139 12.34 -31.81 13.58
N VAL C 140 13.29 -30.89 13.71
CA VAL C 140 14.64 -31.14 13.21
C VAL C 140 15.31 -32.17 14.10
N VAL C 141 15.93 -33.17 13.47
CA VAL C 141 16.41 -34.35 14.20
C VAL C 141 17.66 -34.08 15.00
N GLU C 142 18.51 -33.16 14.56
CA GLU C 142 19.71 -32.76 15.27
C GLU C 142 20.13 -31.38 14.78
N PRO C 143 20.63 -30.50 15.67
CA PRO C 143 21.23 -29.24 15.22
C PRO C 143 22.68 -29.33 14.75
N GLY C 144 23.18 -30.55 14.49
CA GLY C 144 24.46 -30.77 13.83
C GLY C 144 24.39 -30.60 12.32
N ARG C 145 25.09 -31.44 11.56
CA ARG C 145 25.15 -31.26 10.11
C ARG C 145 24.54 -32.44 9.37
N PRO C 146 23.29 -32.30 8.86
CA PRO C 146 22.80 -33.24 7.86
C PRO C 146 23.24 -32.87 6.45
N GLN C 147 22.73 -33.57 5.45
CA GLN C 147 23.05 -33.32 4.05
C GLN C 147 21.94 -32.51 3.40
N GLU C 148 22.31 -31.70 2.42
CA GLU C 148 21.37 -30.85 1.71
C GLU C 148 20.52 -31.67 0.74
N ILE C 149 19.44 -31.04 0.27
CA ILE C 149 18.55 -31.63 -0.72
C ILE C 149 18.46 -30.76 -1.96
N ASP C 150 18.20 -29.46 -1.79
CA ASP C 150 18.10 -28.56 -2.92
C ASP C 150 19.48 -28.22 -3.48
N CYS C 151 19.49 -27.65 -4.68
CA CYS C 151 20.72 -27.38 -5.40
C CYS C 151 21.26 -26.01 -5.03
N VAL C 152 22.48 -25.99 -4.50
CA VAL C 152 23.14 -24.74 -4.12
C VAL C 152 24.24 -24.42 -5.12
N VAL C 153 24.42 -23.13 -5.39
CA VAL C 153 25.43 -22.65 -6.33
C VAL C 153 26.30 -21.67 -5.55
N THR C 154 27.44 -22.13 -5.03
CA THR C 154 28.36 -21.25 -4.34
C THR C 154 29.21 -20.51 -5.36
N GLU C 155 29.03 -19.20 -5.46
CA GLU C 155 29.78 -18.38 -6.39
C GLU C 155 30.32 -17.14 -5.68
N VAL C 156 31.46 -16.64 -6.18
CA VAL C 156 32.17 -15.53 -5.55
C VAL C 156 32.15 -14.35 -6.52
N THR C 157 31.38 -13.33 -6.17
CA THR C 157 31.29 -12.09 -6.95
C THR C 157 31.95 -10.96 -6.20
N TYR C 158 32.26 -9.87 -6.91
CA TYR C 158 32.81 -8.69 -6.29
C TYR C 158 32.31 -7.44 -7.01
N VAL C 159 31.55 -6.61 -6.30
CA VAL C 159 31.12 -5.32 -6.81
C VAL C 159 31.49 -4.24 -5.80
N LYS C 168 32.81 -11.27 -1.72
CA LYS C 168 31.62 -11.82 -1.12
C LYS C 168 31.16 -13.07 -1.84
N ARG C 169 30.72 -14.07 -1.08
CA ARG C 169 30.17 -15.30 -1.65
C ARG C 169 28.65 -15.28 -1.56
N ALA C 170 28.01 -15.86 -2.58
CA ALA C 170 26.56 -15.82 -2.73
C ALA C 170 26.05 -17.24 -2.91
N LEU C 171 25.70 -17.89 -1.80
CA LEU C 171 25.20 -19.24 -1.83
C LEU C 171 23.76 -19.26 -2.34
N VAL C 172 23.59 -19.35 -3.65
CA VAL C 172 22.28 -19.24 -4.28
C VAL C 172 21.50 -20.52 -4.09
N VAL C 173 20.30 -20.42 -3.52
CA VAL C 173 19.42 -21.55 -3.24
C VAL C 173 18.23 -21.46 -4.18
N ARG C 174 17.92 -22.56 -4.87
CA ARG C 174 16.74 -22.61 -5.73
C ARG C 174 15.48 -22.63 -4.90
N GLY C 175 14.58 -21.67 -5.17
CA GLY C 175 13.42 -21.47 -4.35
C GLY C 175 12.28 -22.42 -4.64
N PRO C 176 11.09 -22.12 -4.12
CA PRO C 176 9.95 -23.02 -4.32
C PRO C 176 9.08 -22.66 -5.51
N SER C 177 8.57 -23.69 -6.18
CA SER C 177 7.44 -23.59 -7.10
C SER C 177 6.24 -24.22 -6.41
N GLU C 178 5.14 -24.38 -7.18
CA GLU C 178 3.90 -25.05 -6.79
C GLU C 178 3.25 -24.38 -5.58
N VAL C 179 2.76 -23.16 -5.84
CA VAL C 179 2.15 -22.29 -4.82
C VAL C 179 0.88 -22.91 -4.24
N ARG C 180 0.12 -23.66 -5.04
CA ARG C 180 -1.12 -24.27 -4.59
C ARG C 180 -0.89 -25.48 -3.69
N SER C 181 0.28 -26.10 -3.77
CA SER C 181 0.63 -27.21 -2.88
C SER C 181 1.36 -26.75 -1.63
N LYS C 182 1.62 -25.44 -1.51
CA LYS C 182 2.30 -24.78 -0.38
C LYS C 182 3.70 -25.34 -0.13
N GLU C 183 4.60 -25.17 -1.09
CA GLU C 183 5.95 -25.65 -0.93
C GLU C 183 6.84 -24.57 -0.34
N MET C 184 7.69 -24.95 0.61
CA MET C 184 8.59 -24.04 1.27
C MET C 184 10.00 -24.62 1.25
N VAL C 185 10.98 -23.76 1.50
CA VAL C 185 12.39 -24.15 1.54
C VAL C 185 12.88 -23.94 2.95
N PHE C 186 12.81 -24.97 3.78
CA PHE C 186 13.36 -24.88 5.13
C PHE C 186 14.86 -25.02 5.08
N MET C 187 15.57 -24.04 5.64
CA MET C 187 17.03 -24.08 5.64
C MET C 187 17.53 -23.74 7.04
N GLN C 188 18.79 -24.10 7.29
CA GLN C 188 19.37 -23.96 8.62
C GLN C 188 20.86 -23.68 8.50
N PHE C 189 21.31 -22.60 9.13
CA PHE C 189 22.71 -22.21 9.15
C PHE C 189 23.27 -22.36 10.56
N SER C 190 24.58 -22.17 10.69
CA SER C 190 25.26 -22.21 11.97
C SER C 190 26.56 -21.44 11.85
N SER C 191 26.89 -20.64 12.87
CA SER C 191 28.10 -19.82 12.83
C SER C 191 28.61 -19.62 14.24
N ASN C 192 29.88 -19.98 14.46
CA ASN C 192 30.55 -19.70 15.73
C ASN C 192 31.26 -18.35 15.58
N GLU C 193 30.49 -17.29 15.72
CA GLU C 193 30.97 -15.94 15.46
C GLU C 193 31.83 -15.44 16.61
N THR C 194 32.94 -14.79 16.25
CA THR C 194 33.86 -14.21 17.22
C THR C 194 34.22 -12.75 16.93
N GLY C 195 34.09 -12.29 15.69
CA GLY C 195 34.47 -10.94 15.36
C GLY C 195 33.30 -9.98 15.29
N GLU C 196 32.15 -10.47 14.81
CA GLU C 196 30.96 -9.65 14.71
C GLU C 196 30.09 -9.84 15.96
N ASP C 197 29.25 -8.85 16.22
CA ASP C 197 28.34 -8.89 17.35
C ASP C 197 26.90 -8.62 16.98
N PHE C 198 26.54 -8.78 15.70
CA PHE C 198 25.15 -8.73 15.27
C PHE C 198 24.97 -9.89 14.30
N SER C 199 24.27 -10.92 14.75
CA SER C 199 24.13 -12.16 13.99
C SER C 199 23.05 -11.98 12.94
N ALA C 200 23.45 -11.60 11.73
CA ALA C 200 22.51 -11.46 10.63
C ALA C 200 23.06 -12.15 9.40
N ILE C 201 22.15 -12.55 8.51
CA ILE C 201 22.51 -13.11 7.21
C ILE C 201 21.66 -12.38 6.17
N SER C 202 22.32 -11.73 5.22
CA SER C 202 21.56 -11.03 4.20
C SER C 202 21.12 -12.02 3.12
N TYR C 203 20.10 -11.63 2.36
CA TYR C 203 19.70 -12.39 1.19
C TYR C 203 19.14 -11.43 0.16
N MET C 204 18.78 -11.99 -1.00
CA MET C 204 18.32 -11.22 -2.15
C MET C 204 17.65 -12.21 -3.09
N ILE C 205 16.45 -11.87 -3.56
CA ILE C 205 15.64 -12.77 -4.37
C ILE C 205 15.54 -12.22 -5.78
N PHE C 206 15.99 -13.00 -6.76
CA PHE C 206 15.78 -12.67 -8.16
C PHE C 206 14.76 -13.60 -8.79
N ALA C 207 14.40 -13.30 -10.03
CA ALA C 207 13.14 -13.80 -10.60
C ALA C 207 13.24 -15.23 -11.11
N ASP C 208 14.41 -15.69 -11.53
CA ASP C 208 14.52 -17.03 -12.10
C ASP C 208 15.87 -17.63 -11.77
N PHE C 209 15.86 -18.91 -11.38
CA PHE C 209 17.10 -19.59 -11.00
C PHE C 209 17.81 -20.17 -12.21
N THR C 210 17.08 -20.61 -13.23
CA THR C 210 17.66 -21.18 -14.43
C THR C 210 18.39 -20.16 -15.29
N ASP C 211 18.11 -18.86 -15.11
CA ASP C 211 18.87 -17.81 -15.77
C ASP C 211 20.28 -17.71 -15.21
N LEU C 212 20.50 -18.11 -13.96
CA LEU C 212 21.83 -18.09 -13.39
C LEU C 212 22.69 -19.24 -13.91
N ILE C 213 22.15 -20.47 -13.88
CA ILE C 213 22.92 -21.61 -14.35
C ILE C 213 22.97 -21.70 -15.87
N ASP C 214 22.08 -21.00 -16.58
CA ASP C 214 22.13 -20.92 -18.04
C ASP C 214 22.77 -19.62 -18.50
N SER C 215 23.72 -19.10 -17.73
CA SER C 215 24.48 -17.91 -18.10
C SER C 215 25.91 -18.31 -18.43
N GLN C 216 26.54 -17.54 -19.32
CA GLN C 216 27.91 -17.83 -19.72
C GLN C 216 28.90 -17.44 -18.64
N ASN C 217 28.58 -16.42 -17.84
CA ASN C 217 29.37 -16.07 -16.66
C ASN C 217 28.43 -15.59 -15.58
N LYS C 218 28.45 -16.25 -14.43
CA LYS C 218 27.51 -15.96 -13.31
C LYS C 218 27.86 -14.68 -12.54
N SER C 219 29.13 -14.25 -12.59
CA SER C 219 29.56 -13.06 -11.86
C SER C 219 29.18 -11.76 -12.56
N ARG C 220 28.77 -11.81 -13.83
CA ARG C 220 28.20 -10.63 -14.46
C ARG C 220 26.74 -10.46 -14.04
N PHE C 221 25.97 -11.55 -14.02
CA PHE C 221 24.55 -11.50 -13.73
C PHE C 221 24.28 -11.22 -12.26
N MET C 222 25.06 -11.81 -11.37
CA MET C 222 24.90 -11.54 -9.95
C MET C 222 25.39 -10.13 -9.59
N GLY C 223 26.42 -9.64 -10.28
CA GLY C 223 26.82 -8.26 -10.12
C GLY C 223 25.74 -7.32 -10.61
N GLU C 224 25.04 -7.68 -11.68
CA GLU C 224 23.98 -6.81 -12.19
C GLU C 224 22.82 -6.79 -11.21
N CYS C 225 22.38 -7.95 -10.71
CA CYS C 225 21.36 -7.95 -9.66
C CYS C 225 21.78 -7.37 -8.31
N GLU C 226 23.07 -7.22 -8.02
CA GLU C 226 23.45 -6.57 -6.77
C GLU C 226 23.28 -5.06 -6.78
N THR C 227 22.95 -4.44 -7.91
CA THR C 227 22.65 -3.02 -7.98
C THR C 227 21.17 -2.71 -7.93
N ASN C 228 20.33 -3.52 -8.58
CA ASN C 228 18.91 -3.24 -8.70
C ASN C 228 18.06 -3.98 -7.67
N CYS C 229 18.33 -5.27 -7.45
CA CYS C 229 17.54 -6.07 -6.52
C CYS C 229 17.92 -5.71 -5.08
N SER C 230 16.91 -5.61 -4.22
CA SER C 230 17.07 -5.10 -2.86
C SER C 230 17.33 -6.23 -1.87
N ARG C 231 18.02 -5.89 -0.77
CA ARG C 231 18.54 -6.87 0.17
C ARG C 231 17.87 -6.73 1.52
N TRP C 232 17.26 -7.80 1.99
CA TRP C 232 16.77 -7.91 3.36
C TRP C 232 17.71 -8.79 4.17
N THR C 233 17.43 -8.91 5.47
CA THR C 233 18.21 -9.76 6.37
C THR C 233 17.27 -10.62 7.21
N PHE C 234 17.84 -11.66 7.83
CA PHE C 234 17.16 -12.34 8.93
C PHE C 234 18.16 -12.59 10.05
N SER C 235 17.63 -12.89 11.23
CA SER C 235 18.37 -12.81 12.48
C SER C 235 18.91 -14.16 12.89
N GLY C 236 19.60 -14.16 14.03
CA GLY C 236 20.22 -15.37 14.54
C GLY C 236 19.56 -15.91 15.79
N GLY C 237 18.87 -17.03 15.66
CA GLY C 237 18.09 -17.59 16.75
C GLY C 237 16.60 -17.62 16.50
N PHE C 238 16.12 -17.15 15.35
CA PHE C 238 14.70 -17.05 15.07
C PHE C 238 14.39 -17.70 13.73
N ARG C 239 13.28 -18.43 13.66
CA ARG C 239 12.75 -18.87 12.37
C ARG C 239 12.07 -17.69 11.69
N THR C 240 12.49 -17.38 10.48
CA THR C 240 12.01 -16.21 9.75
C THR C 240 11.19 -16.68 8.54
N TRP C 241 9.87 -16.79 8.74
CA TRP C 241 8.97 -17.26 7.70
C TRP C 241 8.77 -16.15 6.68
N VAL C 242 9.47 -16.24 5.56
CA VAL C 242 9.45 -15.22 4.52
C VAL C 242 8.40 -15.61 3.48
N LYS C 243 7.39 -14.77 3.28
CA LYS C 243 6.33 -15.02 2.31
C LYS C 243 6.44 -13.98 1.20
N MET C 244 6.96 -14.40 0.06
CA MET C 244 7.24 -13.50 -1.05
C MET C 244 6.10 -13.49 -2.06
N SER C 245 6.09 -12.45 -2.90
CA SER C 245 5.07 -12.25 -3.91
C SER C 245 5.63 -11.34 -4.99
N LEU C 246 5.16 -11.54 -6.22
CA LEU C 246 5.65 -10.79 -7.36
C LEU C 246 4.84 -9.52 -7.58
N VAL C 247 5.49 -8.53 -8.20
CA VAL C 247 4.84 -7.31 -8.70
C VAL C 247 5.44 -7.05 -10.07
N LYS C 248 4.59 -6.98 -11.10
CA LYS C 248 5.02 -6.68 -12.46
C LYS C 248 4.55 -5.29 -12.83
N THR C 249 5.48 -4.44 -13.26
CA THR C 249 5.19 -3.06 -13.62
C THR C 249 5.25 -2.91 -15.13
N PHE C 250 4.30 -2.15 -15.69
CA PHE C 250 4.22 -1.89 -17.11
C PHE C 250 4.40 -0.40 -17.39
N GLY C 251 4.24 -0.02 -18.65
CA GLY C 251 4.38 1.36 -19.05
C GLY C 251 4.99 1.54 -20.43
N ASP C 255 7.01 -5.92 -18.15
CA ASP C 255 8.30 -5.26 -18.33
C ASP C 255 9.22 -5.58 -17.16
N SER C 256 9.13 -4.78 -16.10
CA SER C 256 9.94 -4.96 -14.90
C SER C 256 9.22 -5.86 -13.91
N VAL C 257 9.98 -6.65 -13.17
CA VAL C 257 9.44 -7.63 -12.22
C VAL C 257 10.29 -7.60 -10.96
N GLU C 258 9.65 -7.38 -9.81
CA GLU C 258 10.35 -7.29 -8.55
C GLU C 258 9.58 -8.03 -7.47
N PHE C 259 10.26 -8.30 -6.36
CA PHE C 259 9.71 -9.04 -5.23
C PHE C 259 9.39 -8.12 -4.08
N ARG C 260 8.55 -8.61 -3.17
CA ARG C 260 8.36 -7.97 -1.86
C ARG C 260 7.99 -9.06 -0.88
N GLN C 261 8.59 -9.03 0.31
CA GLN C 261 8.33 -10.11 1.30
C GLN C 261 7.90 -9.52 2.63
N GLU C 262 7.32 -10.38 3.49
CA GLU C 262 6.84 -10.03 4.85
C GLU C 262 7.31 -11.14 5.79
N SER C 263 8.28 -10.83 6.66
CA SER C 263 8.87 -11.78 7.58
C SER C 263 7.94 -12.01 8.77
N ALA C 264 8.20 -13.08 9.52
CA ALA C 264 7.51 -13.39 10.75
C ALA C 264 8.45 -14.13 11.67
N VAL C 265 8.91 -13.46 12.73
CA VAL C 265 9.96 -13.94 13.60
C VAL C 265 9.34 -14.75 14.73
N VAL C 266 9.84 -15.97 14.94
CA VAL C 266 9.38 -16.89 15.97
C VAL C 266 10.62 -17.41 16.69
N LYS C 267 10.64 -17.30 18.02
CA LYS C 267 11.84 -17.60 18.80
C LYS C 267 12.10 -19.11 18.87
N PHE C 268 13.34 -19.51 18.59
CA PHE C 268 13.79 -20.89 18.69
C PHE C 268 14.41 -21.08 20.07
N ASN C 269 13.80 -21.93 20.89
CA ASN C 269 14.32 -22.19 22.23
C ASN C 269 15.37 -23.29 22.17
N ASP C 270 16.56 -22.99 22.67
CA ASP C 270 17.69 -23.91 22.66
C ASP C 270 17.48 -24.96 23.74
N ARG C 271 17.45 -26.23 23.34
CA ARG C 271 17.46 -27.36 24.27
C ARG C 271 18.71 -28.20 24.05
N ARG C 272 19.83 -27.54 23.80
CA ARG C 272 21.13 -28.16 23.60
C ARG C 272 21.92 -28.10 24.89
N PRO C 273 22.96 -28.91 25.06
CA PRO C 273 23.91 -28.68 26.15
C PRO C 273 24.67 -27.37 25.98
N ALA C 274 25.09 -26.81 27.11
CA ALA C 274 25.61 -25.44 27.12
C ALA C 274 27.07 -25.36 26.67
N ALA C 275 27.72 -26.51 26.44
CA ALA C 275 29.08 -26.49 25.92
C ALA C 275 29.10 -26.11 24.44
N GLU C 276 28.09 -26.55 23.69
CA GLU C 276 28.02 -26.28 22.26
C GLU C 276 27.02 -25.18 21.91
N GLN C 277 26.64 -24.33 22.88
CA GLN C 277 25.75 -23.22 22.59
C GLN C 277 26.50 -21.94 22.24
N ILE C 278 27.78 -22.03 21.87
CA ILE C 278 28.53 -20.84 21.49
C ILE C 278 28.20 -20.43 20.05
N ASN C 279 27.72 -21.37 19.25
CA ASN C 279 27.38 -21.08 17.87
C ASN C 279 25.88 -20.83 17.73
N GLN C 280 25.52 -19.80 16.97
CA GLN C 280 24.13 -19.46 16.73
C GLN C 280 23.52 -20.40 15.69
N LEU C 281 22.19 -20.32 15.56
CA LEU C 281 21.45 -21.09 14.57
C LEU C 281 20.49 -20.17 13.84
N TYR C 282 20.49 -20.25 12.51
CA TYR C 282 19.76 -19.33 11.66
C TYR C 282 18.78 -20.16 10.84
N PHE C 283 17.49 -20.13 11.19
CA PHE C 283 16.49 -20.83 10.42
C PHE C 283 15.75 -19.85 9.52
N ALA C 284 15.23 -20.34 8.40
CA ALA C 284 14.50 -19.51 7.46
C ALA C 284 13.54 -20.36 6.66
N VAL C 285 12.36 -19.83 6.37
CA VAL C 285 11.34 -20.51 5.59
C VAL C 285 10.92 -19.57 4.47
N PHE C 286 11.10 -20.00 3.23
CA PHE C 286 10.75 -19.20 2.07
C PHE C 286 9.61 -19.88 1.33
N GLN C 287 8.43 -19.26 1.31
CA GLN C 287 7.32 -19.81 0.56
C GLN C 287 6.60 -18.68 -0.18
N TRP C 288 5.72 -19.05 -1.09
CA TRP C 288 4.91 -18.10 -1.81
C TRP C 288 3.65 -17.78 -1.03
N ARG C 289 3.17 -16.56 -1.17
CA ARG C 289 2.05 -16.11 -0.34
C ARG C 289 0.72 -16.57 -0.92
N ASP C 290 0.42 -16.19 -2.15
CA ASP C 290 -0.86 -16.48 -2.79
C ASP C 290 -0.64 -16.60 -4.29
N PRO C 291 -1.40 -17.47 -4.98
CA PRO C 291 -1.19 -17.64 -6.44
C PRO C 291 -1.75 -16.50 -7.28
N TYR C 292 -1.11 -15.34 -7.20
CA TYR C 292 -1.46 -14.18 -7.99
C TYR C 292 -0.19 -13.40 -8.30
N ILE C 293 -0.22 -12.68 -9.41
CA ILE C 293 0.83 -11.73 -9.76
C ILE C 293 0.17 -10.37 -9.89
N GLN C 294 0.55 -9.44 -9.02
CA GLN C 294 0.02 -8.09 -9.08
C GLN C 294 0.62 -7.35 -10.26
N GLN C 295 -0.22 -6.78 -11.10
CA GLN C 295 0.20 -6.05 -12.28
C GLN C 295 -0.10 -4.57 -12.09
N ASN C 296 0.91 -3.73 -12.30
CA ASN C 296 0.78 -2.29 -12.14
C ASN C 296 0.93 -1.62 -13.50
N LYS C 297 -0.11 -0.92 -13.93
CA LYS C 297 -0.08 -0.15 -15.16
C LYS C 297 -0.33 1.31 -14.83
N MET C 298 0.53 2.19 -15.33
CA MET C 298 0.34 3.62 -15.15
C MET C 298 -0.63 4.14 -16.20
N ILE C 299 -1.79 4.63 -15.73
CA ILE C 299 -2.89 5.08 -16.64
C ILE C 299 -3.22 6.56 -16.39
N VAL C 300 -3.46 7.30 -17.49
CA VAL C 300 -3.82 8.71 -17.44
C VAL C 300 -5.31 8.84 -17.66
N THR C 301 -5.98 9.57 -16.78
CA THR C 301 -7.44 9.66 -16.81
C THR C 301 -7.96 10.78 -17.71
N ALA C 302 -7.10 11.44 -18.47
CA ALA C 302 -7.51 12.48 -19.40
C ALA C 302 -7.59 11.92 -20.81
N ASN C 303 -8.59 12.40 -21.55
CA ASN C 303 -8.80 11.96 -22.94
C ASN C 303 -8.60 13.14 -23.88
N PRO C 304 -7.49 13.22 -24.62
CA PRO C 304 -7.25 14.40 -25.47
C PRO C 304 -8.07 14.44 -26.76
N TRP C 305 -8.25 13.28 -27.38
CA TRP C 305 -9.06 13.17 -28.62
C TRP C 305 -10.52 13.51 -28.30
N SER C 306 -11.02 12.98 -27.18
CA SER C 306 -12.41 13.25 -26.73
C SER C 306 -12.53 14.75 -26.43
N SER C 307 -11.50 15.33 -25.78
CA SER C 307 -11.48 16.78 -25.46
C SER C 307 -11.52 17.59 -26.76
N ILE C 308 -10.75 17.16 -27.76
CA ILE C 308 -10.71 17.86 -29.09
C ILE C 308 -12.11 17.80 -29.70
N ALA C 309 -12.77 16.64 -29.60
CA ALA C 309 -14.15 16.48 -30.14
C ALA C 309 -15.09 17.41 -29.37
N ILE C 310 -15.02 17.35 -28.04
CA ILE C 310 -15.86 18.17 -27.16
C ILE C 310 -15.72 19.65 -27.54
N LEU C 311 -14.51 20.09 -27.91
CA LEU C 311 -14.30 21.44 -28.42
C LEU C 311 -14.98 21.67 -29.76
N SER C 312 -15.05 20.63 -30.61
CA SER C 312 -15.79 20.74 -31.87
C SER C 312 -17.30 20.84 -31.62
N GLY C 313 -17.81 20.10 -30.63
CA GLY C 313 -19.22 20.22 -30.27
C GLY C 313 -19.56 21.54 -29.60
N VAL C 314 -18.59 22.17 -28.93
CA VAL C 314 -18.81 23.50 -28.38
C VAL C 314 -18.79 24.55 -29.49
N PHE C 315 -17.81 24.46 -30.39
CA PHE C 315 -17.66 25.44 -31.46
C PHE C 315 -18.69 25.31 -32.56
N MET C 316 -19.50 24.25 -32.47
CA MET C 316 -20.63 24.00 -33.41
C MET C 316 -21.88 24.65 -32.81
N ALA C 317 -22.03 24.61 -31.48
CA ALA C 317 -23.18 25.19 -30.80
C ALA C 317 -23.03 26.69 -30.58
N LEU C 318 -21.79 27.19 -30.61
CA LEU C 318 -21.56 28.64 -30.64
C LEU C 318 -22.05 29.26 -31.95
N PHE C 319 -22.01 28.51 -33.05
CA PHE C 319 -22.61 28.98 -34.30
C PHE C 319 -24.13 28.83 -34.27
N LYS C 320 -24.58 27.69 -33.75
CA LYS C 320 -26.03 27.34 -33.71
C LYS C 320 -26.82 28.35 -32.88
N ALA C 321 -26.38 28.62 -31.65
CA ALA C 321 -27.12 29.53 -30.77
C ALA C 321 -27.06 30.97 -31.26
N ALA C 322 -25.99 31.34 -31.96
CA ALA C 322 -25.91 32.66 -32.59
C ALA C 322 -26.87 32.77 -33.77
N ASN C 323 -27.02 31.70 -34.55
CA ASN C 323 -28.01 31.70 -35.63
C ASN C 323 -29.44 31.70 -35.11
N PHE C 324 -29.69 31.01 -33.98
CA PHE C 324 -31.00 31.04 -33.35
C PHE C 324 -31.31 32.40 -32.74
N ALA C 325 -30.29 33.09 -32.20
CA ALA C 325 -30.47 34.45 -31.71
C ALA C 325 -30.69 35.44 -32.85
N LYS C 326 -30.05 35.20 -34.01
CA LYS C 326 -30.29 36.02 -35.18
C LYS C 326 -31.69 35.79 -35.76
N LEU C 327 -32.23 34.59 -35.60
CA LEU C 327 -33.62 34.36 -36.00
C LEU C 327 -34.60 34.98 -35.01
N THR C 328 -34.28 34.92 -33.72
CA THR C 328 -35.19 35.44 -32.69
C THR C 328 -35.18 36.96 -32.64
N ILE C 329 -34.07 37.58 -33.04
CA ILE C 329 -33.98 39.05 -33.04
C ILE C 329 -34.80 39.67 -34.18
N GLN C 330 -35.06 38.91 -35.24
CA GLN C 330 -35.95 39.36 -36.30
C GLN C 330 -37.37 38.86 -36.10
N TRP C 331 -37.55 37.75 -35.39
CA TRP C 331 -38.90 37.24 -35.12
C TRP C 331 -39.63 38.02 -34.03
N ILE C 332 -38.91 38.80 -33.22
CA ILE C 332 -39.55 39.55 -32.14
C ILE C 332 -40.25 40.82 -32.64
N ILE C 333 -39.94 41.27 -33.85
CA ILE C 333 -40.57 42.46 -34.41
C ILE C 333 -41.26 42.09 -35.71
N ARG C 334 -41.72 40.84 -35.82
CA ARG C 334 -42.41 40.37 -37.01
C ARG C 334 -43.85 40.87 -37.04
#